data_9II6
#
_entry.id   9II6
#
_cell.length_a   1.00
_cell.length_b   1.00
_cell.length_c   1.00
_cell.angle_alpha   90.00
_cell.angle_beta   90.00
_cell.angle_gamma   90.00
#
_symmetry.space_group_name_H-M   'P 1'
#
loop_
_entity.id
_entity.type
_entity.pdbx_description
1 polymer 'Butyrophilin subfamily 2 member A1'
2 polymer 'Butyrophilin subfamily 3 member A1'
3 polymer 'Butyrophilin subfamily 3 member A3'
4 non-polymer '(2E)-4-hydroxy-3-methylbut-2-en-1-yl trihydrogen diphosphate'
#
loop_
_entity_poly.entity_id
_entity_poly.type
_entity_poly.pdbx_seq_one_letter_code
_entity_poly.pdbx_strand_id
1 'polypeptide(L)'
;KEKKILSGEKEFERETREIALKELEKERVQKEEELQVKEKLQEELRWRRTFLHAVDVVLDPDTAHPDLFLSEDRRSVRRC
PFRHLGESVPDNPERFDSQPCVLGRESFASGKHYWEVEVENVIEWTVGVCRDSVERKGEVLLIPQNGFWTLEMHKGQYRA
VSSPDRILPLKESLCRVGVFLDYEAGDVSFYNMRDRSHIYTCPRSAFSVPVRPFFRLGCEDSPIFICPALTGANGVTVPE
EGLTLHRVGTHQSL
;
A,E
2 'polypeptide(L)'
;EEKKTQFRKKKREQELREMAWSTMKQEQSTRVKLLEELRWRSIQYASRGERHSAYNEWKKALFKPADVILDPKTANPILL
VSEDQRSVQRAKEPQDLPDNPERFNWHYCVLGCESFISGRHYWEVEVGDRKEWHIGVCSKNVQRKGWVKMTPENGFWTMG
LTDGNKYRTLTEPRTNLKLPKTPKKVGVFLDYETGDISFYNAVDGSHIHTFLDVSFSEALYPVFRILTLEPTALTICPA
;
B
3 'polypeptide(L)'
;KEKIALSRETEREREMKEMGYAATEQEISLREKLQEELKWRKIQYMARGEKSLAYHEWKMALFKPADVILDPDTANAILL
VSEDQRSVQRAEEPRDLPDNPERFEWRYCVLGCENFTSGRHYWEVEVGDRKEWHIGVCSKNVERKKGWVKMTPENGYWTM
GLTDGNKYRALTEPRTNLKLPEPPRKVGIFLDYETGEISFYNATDGSHIYTFPHASFSEPLYPVFRILTLEPTALTICPI
PKEVESSPDPDLVPDHSLETPLTPGLANESGEPQAEVTSLLLPAHPGAEVSPSATTNQNHKLQARTEALY
;
D
#
loop_
_chem_comp.id
_chem_comp.type
_chem_comp.name
_chem_comp.formula
H6P non-polymer '(2E)-4-hydroxy-3-methylbut-2-en-1-yl trihydrogen diphosphate' 'C5 H12 O8 P2'
#
# COMPACT_ATOMS: atom_id res chain seq x y z
N LYS A 1 9.72 -37.08 63.40
CA LYS A 1 8.80 -36.34 62.55
C LYS A 1 9.51 -35.23 61.79
N GLU A 2 10.56 -34.67 62.40
CA GLU A 2 11.31 -33.61 61.74
C GLU A 2 12.15 -34.14 60.59
N LYS A 3 12.52 -35.42 60.61
CA LYS A 3 13.31 -35.99 59.54
C LYS A 3 12.49 -36.09 58.25
N LYS A 4 11.24 -36.53 58.34
CA LYS A 4 10.41 -36.63 57.15
C LYS A 4 10.13 -35.27 56.54
N ILE A 5 9.86 -34.27 57.38
CA ILE A 5 9.61 -32.91 56.86
C ILE A 5 10.90 -32.34 56.27
N LEU A 6 12.04 -32.63 56.90
CA LEU A 6 13.31 -32.18 56.35
C LEU A 6 13.56 -32.78 54.98
N SER A 7 13.28 -34.07 54.83
CA SER A 7 13.43 -34.71 53.52
C SER A 7 12.44 -34.12 52.51
N GLY A 8 11.22 -33.83 52.95
CA GLY A 8 10.23 -33.26 52.04
C GLY A 8 10.61 -31.87 51.55
N GLU A 9 11.24 -31.08 52.41
CA GLU A 9 11.69 -29.76 51.99
C GLU A 9 13.01 -29.80 51.23
N LYS A 10 13.85 -30.80 51.48
CA LYS A 10 15.13 -30.89 50.79
C LYS A 10 14.95 -31.13 49.30
N GLU A 11 13.98 -31.97 48.93
CA GLU A 11 13.74 -32.22 47.51
C GLU A 11 13.26 -30.95 46.81
N PHE A 12 12.40 -30.17 47.46
CA PHE A 12 11.96 -28.90 46.90
C PHE A 12 13.14 -27.94 46.74
N GLU A 13 14.00 -27.88 47.76
CA GLU A 13 15.18 -27.01 47.69
C GLU A 13 16.09 -27.42 46.54
N ARG A 14 16.30 -28.72 46.36
CA ARG A 14 17.15 -29.18 45.27
C ARG A 14 16.51 -28.93 43.91
N GLU A 15 15.18 -29.04 43.83
CA GLU A 15 14.43 -28.77 42.60
C GLU A 15 14.47 -27.30 42.21
N THR A 16 14.40 -26.38 43.16
CA THR A 16 14.40 -24.95 42.86
C THR A 16 15.76 -24.44 42.41
N ARG A 17 16.83 -25.23 42.59
CA ARG A 17 18.18 -24.83 42.18
C ARG A 17 18.33 -24.60 40.69
N GLU A 18 17.75 -25.45 39.85
CA GLU A 18 18.00 -25.36 38.42
C GLU A 18 17.41 -24.09 37.80
N ILE A 19 16.46 -23.45 38.48
CA ILE A 19 15.97 -22.15 38.04
C ILE A 19 17.15 -21.24 37.73
N ALA A 20 18.15 -21.28 38.62
CA ALA A 20 19.37 -20.52 38.42
C ALA A 20 20.08 -20.94 37.13
N LEU A 21 20.10 -22.23 36.81
CA LEU A 21 20.90 -22.64 35.66
C LEU A 21 20.22 -22.27 34.34
N LYS A 22 18.89 -22.43 34.23
CA LYS A 22 18.31 -21.93 32.98
C LYS A 22 18.40 -20.40 32.90
N GLU A 23 18.20 -19.69 34.02
CA GLU A 23 18.43 -18.25 34.00
C GLU A 23 19.83 -17.93 33.50
N LEU A 24 20.83 -18.68 33.97
CA LEU A 24 22.21 -18.41 33.63
C LEU A 24 22.47 -18.62 32.14
N GLU A 25 22.01 -19.74 31.57
CA GLU A 25 22.40 -19.99 30.18
C GLU A 25 21.63 -19.05 29.26
N LYS A 26 20.38 -18.70 29.64
CA LYS A 26 19.64 -17.71 28.86
C LYS A 26 20.35 -16.37 28.87
N GLU A 27 20.86 -15.96 30.03
CA GLU A 27 21.65 -14.73 30.09
C GLU A 27 22.86 -14.80 29.17
N ARG A 28 23.57 -15.94 29.20
CA ARG A 28 24.78 -16.05 28.37
C ARG A 28 24.46 -15.96 26.89
N VAL A 29 23.41 -16.65 26.43
CA VAL A 29 23.10 -16.65 25.01
C VAL A 29 22.63 -15.26 24.56
N GLN A 30 21.84 -14.58 25.40
CA GLN A 30 21.44 -13.22 25.06
C GLN A 30 22.65 -12.29 24.99
N LYS A 31 23.62 -12.47 25.90
CA LYS A 31 24.83 -11.66 25.86
C LYS A 31 25.60 -11.88 24.56
N GLU A 32 25.69 -13.13 24.11
CA GLU A 32 26.39 -13.41 22.87
C GLU A 32 25.71 -12.72 21.69
N GLU A 33 24.37 -12.80 21.63
CA GLU A 33 23.65 -12.14 20.55
C GLU A 33 23.84 -10.63 20.57
N GLU A 34 23.79 -10.02 21.77
CA GLU A 34 23.99 -8.58 21.86
C GLU A 34 25.39 -8.18 21.41
N LEU A 35 26.41 -8.99 21.75
CA LEU A 35 27.75 -8.64 21.33
C LEU A 35 27.88 -8.72 19.81
N GLN A 36 27.25 -9.72 19.19
CA GLN A 36 27.27 -9.82 17.74
C GLN A 36 26.63 -8.59 17.10
N VAL A 37 25.46 -8.18 17.58
CA VAL A 37 24.79 -7.03 16.97
C VAL A 37 25.60 -5.76 17.18
N LYS A 38 26.23 -5.62 18.34
CA LYS A 38 27.05 -4.43 18.59
C LYS A 38 28.24 -4.37 17.64
N GLU A 39 28.89 -5.50 17.38
CA GLU A 39 30.03 -5.49 16.48
C GLU A 39 29.61 -5.20 15.04
N LYS A 40 28.45 -5.72 14.63
CA LYS A 40 27.94 -5.36 13.30
C LYS A 40 27.67 -3.87 13.21
N LEU A 41 27.07 -3.31 14.27
CA LEU A 41 26.81 -1.87 14.32
C LEU A 41 28.11 -1.07 14.16
N GLN A 42 29.15 -1.46 14.90
CA GLN A 42 30.41 -0.75 14.84
C GLN A 42 31.07 -0.87 13.47
N GLU A 43 30.98 -2.06 12.86
CA GLU A 43 31.57 -2.22 11.54
C GLU A 43 30.88 -1.32 10.51
N GLU A 44 29.56 -1.22 10.58
CA GLU A 44 28.89 -0.37 9.61
C GLU A 44 29.17 1.11 9.89
N LEU A 45 29.34 1.47 11.16
CA LEU A 45 29.77 2.83 11.48
C LEU A 45 31.15 3.14 10.92
N ARG A 46 32.07 2.18 10.99
CA ARG A 46 33.38 2.36 10.37
C ARG A 46 33.29 2.47 8.86
N TRP A 47 32.44 1.65 8.22
CA TRP A 47 32.18 1.81 6.81
C TRP A 47 31.53 3.16 6.51
N ARG A 48 30.87 3.76 7.50
CA ARG A 48 30.36 5.12 7.41
C ARG A 48 31.55 6.06 7.53
N ARG A 49 31.30 7.33 7.85
CA ARG A 49 32.03 8.43 7.23
C ARG A 49 33.51 8.16 6.97
N THR A 50 33.77 7.96 5.68
CA THR A 50 35.05 8.19 5.04
C THR A 50 34.75 8.68 3.63
N PHE A 51 33.52 9.12 3.38
CA PHE A 51 32.96 9.35 2.06
C PHE A 51 32.88 10.84 1.77
N LEU A 52 32.26 11.17 0.63
CA LEU A 52 31.96 12.54 0.28
C LEU A 52 30.48 12.80 0.48
N HIS A 53 30.13 13.95 1.06
CA HIS A 53 28.74 14.23 1.39
C HIS A 53 28.21 15.40 0.59
N ALA A 54 27.15 15.16 -0.17
CA ALA A 54 26.45 16.22 -0.89
C ALA A 54 25.33 16.78 -0.02
N VAL A 55 25.40 18.07 0.25
CA VAL A 55 24.62 18.70 1.30
C VAL A 55 23.45 19.46 0.71
N ASP A 56 22.38 19.58 1.50
CA ASP A 56 21.15 20.27 1.13
C ASP A 56 21.09 21.57 1.93
N VAL A 57 21.35 22.69 1.26
CA VAL A 57 21.51 23.95 1.96
C VAL A 57 20.19 24.70 2.03
N VAL A 58 19.80 25.08 3.23
CA VAL A 58 18.62 25.91 3.47
C VAL A 58 19.06 27.11 4.32
N LEU A 59 18.66 28.30 3.90
CA LEU A 59 19.05 29.52 4.59
C LEU A 59 18.11 29.82 5.75
N ASP A 60 18.66 30.45 6.79
CA ASP A 60 17.84 30.85 7.92
C ASP A 60 17.65 32.36 7.90
N PRO A 61 16.42 32.82 8.13
CA PRO A 61 16.10 34.24 7.90
C PRO A 61 16.40 35.13 9.09
N ASP A 62 17.03 34.60 10.13
CA ASP A 62 17.34 35.43 11.30
C ASP A 62 18.74 36.02 11.23
N THR A 63 19.49 35.74 10.18
CA THR A 63 20.84 36.30 10.01
C THR A 63 20.89 37.30 8.87
N ALA A 64 19.87 37.31 8.02
CA ALA A 64 19.87 38.14 6.83
C ALA A 64 19.75 39.62 7.19
N HIS A 65 20.17 40.46 6.28
CA HIS A 65 20.12 41.91 6.30
C HIS A 65 18.66 42.37 6.25
N PRO A 66 18.36 43.55 6.79
CA PRO A 66 16.97 44.05 6.68
C PRO A 66 16.61 44.49 5.28
N ASP A 67 17.47 44.20 4.31
CA ASP A 67 17.26 44.60 2.93
C ASP A 67 17.07 43.45 1.97
N LEU A 68 17.43 42.22 2.35
CA LEU A 68 17.36 41.10 1.42
C LEU A 68 15.97 40.45 1.46
N PHE A 69 15.53 39.95 0.30
CA PHE A 69 14.25 39.26 0.17
C PHE A 69 14.54 37.80 -0.07
N LEU A 70 13.89 36.94 0.71
CA LEU A 70 14.10 35.49 0.64
C LEU A 70 12.88 34.81 0.04
N SER A 71 13.09 33.65 -0.55
CA SER A 71 11.99 32.87 -1.11
C SER A 71 11.30 32.06 -0.02
N GLU A 72 10.10 31.58 -0.33
CA GLU A 72 9.32 30.84 0.66
C GLU A 72 9.83 29.43 0.88
N ASP A 73 10.67 28.92 -0.01
CA ASP A 73 11.31 27.64 0.21
C ASP A 73 12.70 27.78 0.81
N ARG A 74 13.15 29.01 1.09
CA ARG A 74 14.45 29.28 1.70
C ARG A 74 15.59 28.71 0.86
N ARG A 75 15.52 28.93 -0.46
CA ARG A 75 16.57 28.47 -1.35
C ARG A 75 16.94 29.51 -2.40
N SER A 76 16.51 30.76 -2.21
CA SER A 76 16.81 31.83 -3.15
C SER A 76 16.84 33.15 -2.40
N VAL A 77 17.67 34.09 -2.88
CA VAL A 77 17.87 35.37 -2.22
C VAL A 77 18.00 36.45 -3.29
N ARG A 78 17.42 37.62 -3.03
CA ARG A 78 17.61 38.76 -3.92
C ARG A 78 17.74 40.03 -3.09
N ARG A 79 18.30 41.07 -3.71
CA ARG A 79 18.50 42.35 -3.05
C ARG A 79 17.54 43.37 -3.66
N CYS A 80 16.64 43.91 -2.84
CA CYS A 80 15.61 44.83 -3.32
C CYS A 80 15.61 46.11 -2.49
N PRO A 81 15.54 47.28 -3.12
CA PRO A 81 15.57 48.52 -2.35
C PRO A 81 14.18 49.06 -2.03
N PHE A 82 14.04 49.57 -0.81
CA PHE A 82 12.81 50.19 -0.34
C PHE A 82 11.60 49.29 -0.58
N ARG A 83 11.66 48.09 -0.05
CA ARG A 83 10.52 47.17 -0.02
C ARG A 83 10.17 46.73 1.40
N HIS A 84 11.17 46.51 2.24
CA HIS A 84 10.94 46.16 3.63
C HIS A 84 10.78 47.38 4.52
N LEU A 85 10.85 48.58 3.96
CA LEU A 85 10.65 49.79 4.76
C LEU A 85 9.25 49.82 5.33
N GLY A 86 9.13 50.33 6.55
CA GLY A 86 7.87 50.34 7.26
C GLY A 86 7.53 49.04 7.94
N GLU A 87 8.37 48.01 7.81
CA GLU A 87 8.17 46.72 8.45
C GLU A 87 9.24 46.54 9.52
N SER A 88 8.81 46.32 10.75
CA SER A 88 9.72 46.27 11.90
C SER A 88 10.48 44.95 11.88
N VAL A 89 11.74 45.00 11.49
CA VAL A 89 12.62 43.82 11.59
C VAL A 89 13.36 43.87 12.93
N PRO A 90 13.24 42.86 13.77
CA PRO A 90 13.95 42.86 15.05
C PRO A 90 15.46 43.02 14.86
N ASP A 91 16.07 43.74 15.79
CA ASP A 91 17.53 43.86 15.84
C ASP A 91 18.15 42.75 16.68
N ASN A 92 18.48 41.64 16.03
CA ASN A 92 19.02 40.49 16.73
C ASN A 92 20.53 40.63 16.89
N PRO A 93 21.12 39.99 17.90
CA PRO A 93 22.58 39.95 18.01
C PRO A 93 23.26 39.23 16.84
N GLU A 94 22.54 38.38 16.11
CA GLU A 94 23.11 37.69 14.96
C GLU A 94 22.68 38.32 13.63
N ARG A 95 22.00 39.46 13.66
CA ARG A 95 21.59 40.10 12.42
C ARG A 95 22.76 40.87 11.81
N PHE A 96 22.84 40.83 10.48
CA PHE A 96 23.76 41.67 9.73
C PHE A 96 23.11 43.02 9.47
N ASP A 97 23.81 44.09 9.81
CA ASP A 97 23.36 45.43 9.44
C ASP A 97 24.44 46.25 8.75
N SER A 98 25.65 45.71 8.60
CA SER A 98 26.71 46.39 7.86
C SER A 98 26.78 45.96 6.40
N GLN A 99 26.79 44.65 6.13
CA GLN A 99 26.91 44.14 4.78
C GLN A 99 25.81 43.14 4.49
N PRO A 100 25.34 43.07 3.23
CA PRO A 100 24.22 42.19 2.89
C PRO A 100 24.63 40.72 2.78
N CYS A 101 24.64 39.99 3.89
CA CYS A 101 25.12 38.62 3.89
C CYS A 101 24.12 37.71 4.59
N VAL A 102 24.10 36.45 4.15
CA VAL A 102 23.26 35.41 4.73
C VAL A 102 24.13 34.18 4.99
N LEU A 103 23.74 33.41 5.99
CA LEU A 103 24.45 32.21 6.41
C LEU A 103 23.54 30.99 6.26
N GLY A 104 24.16 29.82 6.16
CA GLY A 104 23.43 28.56 6.09
C GLY A 104 22.94 28.13 7.45
N ARG A 105 22.17 27.04 7.44
CA ARG A 105 21.54 26.53 8.65
C ARG A 105 22.37 25.46 9.36
N GLU A 106 23.24 24.76 8.65
CA GLU A 106 23.98 23.63 9.20
C GLU A 106 25.39 24.06 9.59
N SER A 107 25.92 23.40 10.63
CA SER A 107 27.29 23.64 11.07
C SER A 107 28.07 22.35 10.82
N PHE A 108 29.36 22.48 10.54
CA PHE A 108 30.20 21.32 10.25
C PHE A 108 31.33 21.20 11.27
N ALA A 109 31.68 19.96 11.60
CA ALA A 109 32.70 19.69 12.59
C ALA A 109 33.77 18.72 12.12
N SER A 110 33.47 17.88 11.14
CA SER A 110 34.46 16.96 10.59
C SER A 110 33.97 16.48 9.22
N GLY A 111 34.88 15.89 8.44
CA GLY A 111 34.48 15.26 7.20
C GLY A 111 34.63 16.17 5.98
N LYS A 112 34.17 15.64 4.85
CA LYS A 112 34.22 16.35 3.58
C LYS A 112 32.80 16.66 3.10
N HIS A 113 32.63 17.89 2.64
CA HIS A 113 31.33 18.33 2.14
C HIS A 113 31.54 19.16 0.88
N TYR A 114 30.49 19.31 0.09
CA TYR A 114 30.54 20.18 -1.09
C TYR A 114 29.13 20.53 -1.53
N TRP A 115 29.00 21.67 -2.19
CA TRP A 115 27.70 22.11 -2.70
C TRP A 115 27.91 23.01 -3.92
N GLU A 116 26.80 23.42 -4.55
CA GLU A 116 26.81 24.11 -5.82
C GLU A 116 25.89 25.33 -5.80
N VAL A 117 26.30 26.38 -6.53
CA VAL A 117 25.56 27.63 -6.60
C VAL A 117 25.40 28.05 -8.06
N GLU A 118 24.27 28.71 -8.34
CA GLU A 118 23.89 29.15 -9.68
C GLU A 118 23.98 30.67 -9.77
N VAL A 119 24.94 31.15 -10.55
CA VAL A 119 25.26 32.58 -10.61
C VAL A 119 25.17 33.10 -12.04
N GLU A 120 24.20 32.58 -12.80
CA GLU A 120 24.15 32.78 -14.25
C GLU A 120 24.36 34.24 -14.66
N ASN A 121 23.46 35.13 -14.24
CA ASN A 121 23.53 36.52 -14.70
C ASN A 121 23.46 37.48 -13.53
N VAL A 122 24.21 37.21 -12.47
CA VAL A 122 24.40 38.16 -11.39
C VAL A 122 25.71 38.88 -11.62
N ILE A 123 25.75 40.17 -11.26
CA ILE A 123 26.89 41.01 -11.61
C ILE A 123 27.93 41.11 -10.49
N GLU A 124 27.55 40.96 -9.22
CA GLU A 124 28.50 41.07 -8.10
C GLU A 124 28.04 40.10 -7.00
N TRP A 125 28.84 39.05 -6.78
CA TRP A 125 28.51 38.04 -5.79
C TRP A 125 29.76 37.61 -5.03
N THR A 126 29.56 37.08 -3.83
CA THR A 126 30.64 36.49 -3.02
C THR A 126 30.10 35.25 -2.32
N VAL A 127 30.84 34.16 -2.39
CA VAL A 127 30.41 32.90 -1.79
C VAL A 127 31.60 32.23 -1.09
N GLY A 128 31.32 31.62 0.06
CA GLY A 128 32.41 30.92 0.74
C GLY A 128 31.95 30.33 2.07
N VAL A 129 32.90 30.30 3.01
CA VAL A 129 32.73 29.64 4.30
C VAL A 129 33.18 30.61 5.39
N CYS A 130 32.41 30.65 6.48
CA CYS A 130 32.73 31.52 7.60
C CYS A 130 32.52 30.79 8.91
N ARG A 131 33.36 31.13 9.89
CA ARG A 131 33.16 30.60 11.24
C ARG A 131 31.90 31.19 11.85
N ASP A 132 31.20 30.37 12.63
CA ASP A 132 29.98 30.84 13.28
C ASP A 132 30.26 31.69 14.50
N SER A 133 31.50 32.14 14.70
CA SER A 133 31.82 33.06 15.77
C SER A 133 32.48 34.32 15.21
N VAL A 134 31.94 34.83 14.10
CA VAL A 134 32.47 36.02 13.46
C VAL A 134 31.64 37.22 13.90
N GLU A 135 32.18 38.41 13.65
CA GLU A 135 31.50 39.64 14.01
C GLU A 135 30.35 39.91 13.05
N ARG A 136 29.14 40.03 13.58
CA ARG A 136 27.96 40.24 12.77
C ARG A 136 27.46 41.68 12.79
N LYS A 137 27.97 42.49 13.72
CA LYS A 137 27.47 43.83 13.96
C LYS A 137 28.39 44.92 13.39
N GLY A 138 29.52 44.54 12.81
CA GLY A 138 30.46 45.53 12.33
C GLY A 138 30.94 45.26 10.92
N GLU A 139 31.48 46.32 10.30
CA GLU A 139 31.97 46.23 8.93
C GLU A 139 33.31 45.51 8.91
N VAL A 140 33.26 44.18 8.97
CA VAL A 140 34.44 43.34 9.05
C VAL A 140 34.93 43.05 7.65
N LEU A 141 36.23 43.26 7.44
CA LEU A 141 36.88 42.94 6.17
C LEU A 141 36.74 41.45 5.91
N LEU A 142 36.35 41.10 4.69
CA LEU A 142 36.15 39.70 4.33
C LEU A 142 37.51 39.10 3.98
N ILE A 143 38.33 38.87 5.00
CA ILE A 143 39.66 38.30 4.82
C ILE A 143 39.84 37.13 5.76
N PRO A 144 40.71 36.19 5.40
CA PRO A 144 40.90 34.99 6.23
C PRO A 144 41.47 35.27 7.62
N GLN A 145 41.89 36.51 7.92
CA GLN A 145 42.30 36.89 9.26
C GLN A 145 41.15 36.84 10.25
N ASN A 146 39.98 37.33 9.87
CA ASN A 146 38.84 37.32 10.79
C ASN A 146 38.03 36.03 10.66
N GLY A 147 38.24 35.26 9.59
CA GLY A 147 37.55 34.00 9.46
C GLY A 147 36.64 33.88 8.26
N PHE A 148 36.94 34.59 7.18
CA PHE A 148 36.17 34.46 5.95
C PHE A 148 37.04 33.85 4.84
N TRP A 149 36.54 32.77 4.25
CA TRP A 149 37.21 32.15 3.10
C TRP A 149 36.25 32.22 1.94
N THR A 150 36.49 33.14 1.00
CA THR A 150 35.48 33.48 0.01
C THR A 150 36.08 33.60 -1.39
N LEU A 151 35.19 33.59 -2.38
CA LEU A 151 35.50 33.90 -3.77
C LEU A 151 34.44 34.85 -4.29
N GLU A 152 34.82 35.78 -5.15
CA GLU A 152 33.90 36.83 -5.56
C GLU A 152 34.17 37.28 -6.98
N MET A 153 33.25 38.08 -7.50
CA MET A 153 33.40 38.80 -8.75
C MET A 153 33.12 40.28 -8.52
N HIS A 154 34.02 41.13 -9.01
CA HIS A 154 33.95 42.57 -8.76
C HIS A 154 34.29 43.31 -10.04
N LYS A 155 33.28 43.98 -10.61
CA LYS A 155 33.46 44.84 -11.79
C LYS A 155 34.07 44.07 -12.96
N GLY A 156 33.52 42.89 -13.21
CA GLY A 156 33.89 42.14 -14.40
C GLY A 156 35.16 41.34 -14.32
N GLN A 157 35.69 41.11 -13.13
CA GLN A 157 36.86 40.26 -12.94
C GLN A 157 36.65 39.32 -11.76
N TYR A 158 37.11 38.08 -11.93
CA TYR A 158 37.03 37.06 -10.90
C TYR A 158 38.28 37.15 -10.04
N ARG A 159 38.09 37.33 -8.74
CA ARG A 159 39.22 37.54 -7.85
C ARG A 159 39.11 36.60 -6.64
N ALA A 160 40.26 36.37 -6.03
CA ALA A 160 40.47 35.47 -4.90
C ALA A 160 40.03 36.13 -3.62
N VAL A 161 40.65 35.77 -2.50
CA VAL A 161 40.28 36.13 -1.13
C VAL A 161 40.13 37.65 -0.95
N SER A 162 40.15 38.39 -2.06
CA SER A 162 39.91 39.83 -2.19
C SER A 162 41.14 40.69 -1.97
N SER A 163 42.32 40.11 -1.94
CA SER A 163 43.52 40.90 -2.13
C SER A 163 43.64 41.24 -3.61
N PRO A 164 43.75 42.52 -4.00
CA PRO A 164 43.66 42.85 -5.43
C PRO A 164 44.85 42.40 -6.25
N ASP A 165 45.82 41.69 -5.65
CA ASP A 165 46.93 41.13 -6.39
C ASP A 165 46.74 39.65 -6.70
N ARG A 166 45.52 39.15 -6.61
CA ARG A 166 45.21 37.75 -6.88
C ARG A 166 44.11 37.63 -7.93
N ILE A 167 44.26 38.33 -9.05
CA ILE A 167 43.29 38.24 -10.13
C ILE A 167 43.41 36.87 -10.79
N LEU A 168 42.30 36.15 -10.87
CA LEU A 168 42.31 34.83 -11.47
C LEU A 168 42.18 34.95 -12.99
N PRO A 169 43.11 34.40 -13.75
CA PRO A 169 43.07 34.47 -15.22
C PRO A 169 42.11 33.46 -15.85
N LEU A 170 40.81 33.67 -15.64
CA LEU A 170 39.82 32.77 -16.19
C LEU A 170 39.69 32.97 -17.69
N LYS A 171 39.08 31.99 -18.37
CA LYS A 171 38.93 32.04 -19.81
C LYS A 171 37.48 31.95 -20.29
N GLU A 172 36.52 31.83 -19.37
CA GLU A 172 35.12 31.73 -19.78
C GLU A 172 34.23 32.25 -18.65
N SER A 173 32.98 32.50 -18.98
CA SER A 173 32.01 32.95 -18.00
C SER A 173 31.61 31.79 -17.08
N LEU A 174 31.39 32.12 -15.81
CA LEU A 174 31.02 31.14 -14.80
C LEU A 174 29.51 31.11 -14.67
N CYS A 175 28.93 29.92 -14.79
CA CYS A 175 27.49 29.72 -14.68
C CYS A 175 27.10 28.93 -13.43
N ARG A 176 27.91 27.94 -13.04
CA ARG A 176 27.67 27.16 -11.83
C ARG A 176 29.00 26.98 -11.13
N VAL A 177 29.01 27.17 -9.80
CA VAL A 177 30.24 27.17 -9.01
C VAL A 177 30.12 26.14 -7.90
N GLY A 178 31.16 25.35 -7.71
CA GLY A 178 31.19 24.32 -6.67
C GLY A 178 32.13 24.71 -5.55
N VAL A 179 31.70 24.46 -4.32
CA VAL A 179 32.48 24.76 -3.12
C VAL A 179 32.71 23.47 -2.34
N PHE A 180 33.96 23.24 -1.95
CA PHE A 180 34.41 22.00 -1.33
C PHE A 180 35.10 22.31 0.01
N LEU A 181 34.81 21.48 1.02
CA LEU A 181 35.34 21.66 2.37
C LEU A 181 35.86 20.35 2.96
N ASP A 182 37.03 20.40 3.58
CA ASP A 182 37.67 19.25 4.25
C ASP A 182 38.20 19.75 5.58
N TYR A 183 37.60 19.30 6.68
CA TYR A 183 37.91 19.86 7.99
C TYR A 183 39.30 19.42 8.47
N GLU A 184 39.63 18.14 8.29
CA GLU A 184 40.87 17.59 8.82
C GLU A 184 42.11 18.22 8.19
N ALA A 185 42.10 18.48 6.89
CA ALA A 185 43.25 19.06 6.21
C ALA A 185 43.19 20.58 6.10
N GLY A 186 42.12 21.20 6.60
CA GLY A 186 41.98 22.64 6.50
C GLY A 186 41.89 23.12 5.06
N ASP A 187 41.07 22.45 4.26
CA ASP A 187 41.02 22.64 2.82
C ASP A 187 39.68 23.24 2.40
N VAL A 188 39.73 24.35 1.67
CA VAL A 188 38.56 24.96 1.06
C VAL A 188 38.88 25.26 -0.39
N SER A 189 38.12 24.66 -1.30
CA SER A 189 38.42 24.73 -2.73
C SER A 189 37.19 25.17 -3.52
N PHE A 190 37.46 25.81 -4.65
CA PHE A 190 36.43 26.31 -5.56
C PHE A 190 36.64 25.71 -6.94
N TYR A 191 35.55 25.21 -7.53
CA TYR A 191 35.54 24.43 -8.76
C TYR A 191 34.58 25.03 -9.79
N ASN A 192 34.93 24.85 -11.06
CA ASN A 192 34.07 25.18 -12.19
C ASN A 192 33.29 23.93 -12.60
N MET A 193 31.96 24.04 -12.61
CA MET A 193 31.10 22.85 -12.64
C MET A 193 30.65 22.45 -14.03
N ARG A 194 31.03 23.19 -15.08
CA ARG A 194 30.68 22.73 -16.42
C ARG A 194 31.49 21.50 -16.82
N ASP A 195 32.80 21.52 -16.60
CA ASP A 195 33.64 20.36 -16.90
C ASP A 195 34.36 19.83 -15.66
N ARG A 196 33.96 20.25 -14.45
CA ARG A 196 34.53 19.77 -13.20
C ARG A 196 36.05 20.02 -13.16
N SER A 197 36.40 21.30 -13.30
CA SER A 197 37.79 21.72 -13.30
C SER A 197 38.07 22.58 -12.08
N HIS A 198 39.35 22.63 -11.71
CA HIS A 198 39.75 23.29 -10.49
C HIS A 198 40.01 24.78 -10.73
N ILE A 199 39.51 25.62 -9.83
CA ILE A 199 39.68 27.05 -9.93
C ILE A 199 40.69 27.52 -8.88
N TYR A 200 40.39 27.29 -7.60
CA TYR A 200 41.26 27.87 -6.59
C TYR A 200 41.25 27.04 -5.30
N THR A 201 42.37 27.10 -4.58
CA THR A 201 42.50 26.45 -3.27
C THR A 201 43.11 27.45 -2.30
N CYS A 202 42.49 27.61 -1.14
CA CYS A 202 42.93 28.59 -0.16
C CYS A 202 44.09 28.06 0.68
N PRO A 203 44.94 28.93 1.20
CA PRO A 203 46.06 28.48 2.03
C PRO A 203 45.58 27.74 3.28
N ARG A 204 46.37 26.74 3.67
CA ARG A 204 45.99 25.84 4.75
C ARG A 204 45.93 26.57 6.09
N SER A 205 44.93 26.22 6.89
CA SER A 205 44.70 26.85 8.18
C SER A 205 43.89 25.89 9.04
N ALA A 206 43.82 26.16 10.34
CA ALA A 206 43.08 25.35 11.28
C ALA A 206 41.83 26.11 11.71
N PHE A 207 40.68 25.44 11.65
CA PHE A 207 39.40 26.09 11.96
C PHE A 207 39.12 26.10 13.46
N SER A 208 39.14 24.93 14.08
CA SER A 208 38.99 24.77 15.54
C SER A 208 37.60 25.14 16.03
N VAL A 209 36.74 25.60 15.13
CA VAL A 209 35.39 26.04 15.46
C VAL A 209 34.47 25.59 14.32
N PRO A 210 33.21 25.23 14.60
CA PRO A 210 32.30 24.87 13.52
C PRO A 210 32.14 25.98 12.50
N VAL A 211 32.03 25.60 11.23
CA VAL A 211 31.97 26.54 10.12
C VAL A 211 30.63 26.44 9.42
N ARG A 212 30.28 27.45 8.62
CA ARG A 212 28.96 27.53 7.99
C ARG A 212 29.11 28.12 6.60
N PRO A 213 28.18 27.84 5.70
CA PRO A 213 28.17 28.50 4.39
C PRO A 213 27.86 29.98 4.51
N PHE A 214 28.31 30.74 3.52
CA PHE A 214 28.24 32.19 3.58
C PHE A 214 28.01 32.76 2.19
N PHE A 215 26.94 33.55 2.03
CA PHE A 215 26.61 34.17 0.75
C PHE A 215 26.46 35.67 0.93
N ARG A 216 26.97 36.41 -0.05
CA ARG A 216 26.85 37.87 -0.06
C ARG A 216 26.50 38.33 -1.46
N LEU A 217 25.48 39.17 -1.56
CA LEU A 217 24.95 39.59 -2.86
C LEU A 217 25.15 41.09 -3.02
N GLY A 218 25.78 41.48 -4.12
CA GLY A 218 26.09 42.87 -4.40
C GLY A 218 24.92 43.61 -4.99
N CYS A 219 25.21 44.80 -5.53
CA CYS A 219 24.18 45.67 -6.08
C CYS A 219 23.66 45.06 -7.38
N GLU A 220 22.56 44.31 -7.24
CA GLU A 220 21.98 43.58 -8.36
C GLU A 220 20.62 43.05 -7.94
N ASP A 221 19.65 43.16 -8.84
CA ASP A 221 18.32 42.62 -8.60
C ASP A 221 18.16 41.18 -9.06
N SER A 222 19.23 40.56 -9.56
CA SER A 222 19.17 39.18 -10.00
C SER A 222 19.32 38.24 -8.82
N PRO A 223 18.45 37.25 -8.65
CA PRO A 223 18.58 36.31 -7.53
C PRO A 223 19.62 35.23 -7.80
N ILE A 224 20.00 34.55 -6.71
CA ILE A 224 20.93 33.42 -6.78
C ILE A 224 20.23 32.17 -6.27
N PHE A 225 20.43 31.06 -7.00
CA PHE A 225 19.76 29.80 -6.71
C PHE A 225 20.78 28.78 -6.19
N ILE A 226 20.36 27.99 -5.22
CA ILE A 226 21.18 26.93 -4.63
C ILE A 226 20.61 25.60 -5.08
N CYS A 227 21.45 24.79 -5.73
CA CYS A 227 20.98 23.56 -6.36
C CYS A 227 20.59 22.53 -5.30
N PRO A 228 19.35 22.03 -5.32
CA PRO A 228 18.94 21.04 -4.33
C PRO A 228 19.57 19.67 -4.60
N ALA A 229 19.67 18.88 -3.55
CA ALA A 229 20.23 17.55 -3.66
C ALA A 229 19.24 16.62 -4.36
N LEU A 230 19.80 15.59 -5.01
CA LEU A 230 19.00 14.63 -5.76
C LEU A 230 18.14 13.80 -4.83
N THR A 231 16.84 13.72 -5.11
CA THR A 231 15.93 13.04 -4.19
C THR A 231 15.36 11.77 -4.81
N GLY A 232 15.30 11.71 -6.13
CA GLY A 232 14.77 10.55 -6.80
C GLY A 232 13.26 10.58 -6.93
N ALA A 233 12.57 9.66 -6.25
CA ALA A 233 11.12 9.57 -6.34
C ALA A 233 10.51 9.33 -4.97
N ASN A 234 10.95 10.06 -3.96
CA ASN A 234 10.37 9.93 -2.63
C ASN A 234 9.19 10.90 -2.49
N GLY A 235 8.12 10.39 -1.89
CA GLY A 235 6.89 11.16 -1.79
C GLY A 235 6.05 11.20 -3.04
N VAL A 236 6.30 10.30 -3.99
CA VAL A 236 5.54 10.20 -5.23
C VAL A 236 5.24 8.74 -5.51
N THR A 237 4.25 8.49 -6.36
CA THR A 237 3.78 7.14 -6.68
C THR A 237 4.36 6.67 -8.00
N VAL A 238 4.82 5.43 -8.04
CA VAL A 238 5.44 4.86 -9.23
C VAL A 238 4.52 3.81 -9.84
N PRO A 239 4.04 4.01 -11.06
CA PRO A 239 3.21 2.98 -11.70
C PRO A 239 4.05 1.80 -12.18
N GLU A 240 3.35 0.82 -12.77
CA GLU A 240 4.04 -0.37 -13.26
C GLU A 240 4.74 -0.11 -14.59
N GLU A 241 4.53 1.06 -15.20
CA GLU A 241 5.26 1.40 -16.41
C GLU A 241 6.53 2.17 -16.07
N GLY A 242 6.58 2.78 -14.89
CA GLY A 242 7.72 3.59 -14.51
C GLY A 242 7.38 5.07 -14.51
N LEU A 243 8.27 5.89 -13.92
CA LEU A 243 8.06 7.33 -13.91
C LEU A 243 8.97 7.98 -14.93
N THR A 244 8.39 8.77 -15.83
CA THR A 244 9.12 9.31 -16.98
C THR A 244 8.98 10.82 -17.01
N LEU A 245 10.11 11.52 -17.12
CA LEU A 245 10.15 12.97 -17.29
C LEU A 245 9.39 13.69 -16.17
N HIS A 246 9.87 13.53 -14.95
CA HIS A 246 9.18 14.08 -13.79
C HIS A 246 9.60 15.52 -13.53
N ARG A 247 8.62 16.43 -13.61
CA ARG A 247 8.83 17.84 -13.32
C ARG A 247 7.97 18.24 -12.15
N VAL A 248 8.59 18.87 -11.16
CA VAL A 248 7.85 19.28 -9.96
C VAL A 248 6.98 20.48 -10.27
N GLU B 1 -21.03 -55.15 46.77
CA GLU B 1 -20.08 -54.22 46.17
C GLU B 1 -20.57 -53.71 44.81
N GLU B 2 -21.36 -54.54 44.12
CA GLU B 2 -21.90 -54.14 42.83
C GLU B 2 -22.81 -52.91 42.96
N LYS B 3 -23.43 -52.75 44.12
CA LYS B 3 -24.26 -51.57 44.36
C LYS B 3 -23.44 -50.28 44.27
N LYS B 4 -22.23 -50.30 44.83
CA LYS B 4 -21.38 -49.11 44.79
C LYS B 4 -20.99 -48.77 43.36
N THR B 5 -20.62 -49.78 42.57
CA THR B 5 -20.27 -49.55 41.18
C THR B 5 -21.46 -49.02 40.39
N GLN B 6 -22.65 -49.57 40.65
CA GLN B 6 -23.85 -49.05 39.99
C GLN B 6 -24.09 -47.60 40.36
N PHE B 7 -23.87 -47.24 41.62
CA PHE B 7 -24.02 -45.85 42.06
C PHE B 7 -23.04 -44.94 41.33
N ARG B 8 -21.77 -45.37 41.23
CA ARG B 8 -20.77 -44.57 40.54
C ARG B 8 -21.15 -44.36 39.08
N LYS B 9 -21.58 -45.44 38.41
CA LYS B 9 -21.98 -45.35 37.01
C LYS B 9 -23.18 -44.43 36.85
N LYS B 10 -24.15 -44.51 37.78
CA LYS B 10 -25.31 -43.63 37.71
C LYS B 10 -24.90 -42.17 37.83
N LYS B 11 -23.99 -41.86 38.76
CA LYS B 11 -23.54 -40.47 38.90
C LYS B 11 -22.83 -39.98 37.65
N ARG B 12 -21.90 -40.78 37.11
CA ARG B 12 -21.19 -40.37 35.91
C ARG B 12 -22.14 -40.16 34.74
N GLU B 13 -23.08 -41.08 34.55
CA GLU B 13 -23.98 -40.98 33.42
C GLU B 13 -24.98 -39.85 33.59
N GLN B 14 -25.32 -39.51 34.84
CA GLN B 14 -26.11 -38.31 35.08
C GLN B 14 -25.35 -37.06 34.67
N GLU B 15 -24.04 -37.01 34.97
CA GLU B 15 -23.26 -35.85 34.54
C GLU B 15 -23.20 -35.77 33.01
N LEU B 16 -23.11 -36.92 32.34
CA LEU B 16 -23.15 -36.91 30.88
C LEU B 16 -24.49 -36.41 30.37
N ARG B 17 -25.59 -36.79 31.03
CA ARG B 17 -26.90 -36.28 30.66
C ARG B 17 -26.97 -34.77 30.80
N GLU B 18 -26.40 -34.24 31.89
CA GLU B 18 -26.36 -32.80 32.10
C GLU B 18 -25.60 -32.11 30.98
N MET B 19 -24.45 -32.67 30.59
CA MET B 19 -23.67 -32.06 29.51
C MET B 19 -24.42 -32.12 28.19
N ALA B 20 -25.17 -33.21 27.96
CA ALA B 20 -25.98 -33.32 26.74
C ALA B 20 -27.04 -32.22 26.70
N TRP B 21 -27.70 -31.97 27.83
CA TRP B 21 -28.72 -30.92 27.86
C TRP B 21 -28.11 -29.54 27.66
N SER B 22 -26.93 -29.30 28.23
CA SER B 22 -26.27 -28.01 28.00
C SER B 22 -25.93 -27.82 26.52
N THR B 23 -25.43 -28.87 25.87
CA THR B 23 -25.15 -28.79 24.44
C THR B 23 -26.43 -28.49 23.66
N MET B 24 -27.53 -29.14 24.04
CA MET B 24 -28.82 -28.87 23.41
C MET B 24 -29.20 -27.41 23.53
N LYS B 25 -29.01 -26.82 24.72
CA LYS B 25 -29.42 -25.44 24.91
C LYS B 25 -28.58 -24.47 24.08
N GLN B 26 -27.27 -24.70 24.01
CA GLN B 26 -26.46 -23.86 23.13
C GLN B 26 -26.89 -24.01 21.67
N GLU B 27 -27.24 -25.24 21.26
CA GLU B 27 -27.69 -25.45 19.89
C GLU B 27 -28.97 -24.65 19.60
N GLN B 28 -29.94 -24.68 20.52
CA GLN B 28 -31.19 -23.96 20.30
C GLN B 28 -30.96 -22.45 20.23
N SER B 29 -30.15 -21.92 21.15
CA SER B 29 -29.87 -20.49 21.12
C SER B 29 -29.21 -20.09 19.81
N THR B 30 -28.24 -20.90 19.35
CA THR B 30 -27.58 -20.60 18.08
C THR B 30 -28.58 -20.60 16.93
N ARG B 31 -29.53 -21.55 16.94
CA ARG B 31 -30.52 -21.60 15.87
C ARG B 31 -31.38 -20.35 15.83
N VAL B 32 -31.90 -19.91 16.98
CA VAL B 32 -32.80 -18.75 16.97
C VAL B 32 -32.03 -17.48 16.59
N LYS B 33 -30.78 -17.36 17.06
CA LYS B 33 -29.97 -16.23 16.68
C LYS B 33 -29.70 -16.20 15.19
N LEU B 34 -29.41 -17.37 14.59
CA LEU B 34 -29.16 -17.44 13.16
C LEU B 34 -30.41 -17.08 12.36
N LEU B 35 -31.59 -17.49 12.85
CA LEU B 35 -32.82 -17.15 12.15
C LEU B 35 -33.05 -15.64 12.10
N GLU B 36 -32.95 -14.97 13.25
CA GLU B 36 -33.14 -13.52 13.26
C GLU B 36 -32.07 -12.82 12.42
N GLU B 37 -30.83 -13.30 12.50
CA GLU B 37 -29.74 -12.72 11.73
C GLU B 37 -30.00 -12.87 10.24
N LEU B 38 -30.54 -14.01 9.81
CA LEU B 38 -30.85 -14.21 8.40
C LEU B 38 -31.94 -13.28 7.94
N ARG B 39 -32.94 -13.02 8.79
CA ARG B 39 -33.96 -12.04 8.42
C ARG B 39 -33.34 -10.67 8.19
N TRP B 40 -32.46 -10.23 9.09
CA TRP B 40 -31.81 -8.93 8.93
C TRP B 40 -30.93 -8.91 7.66
N ARG B 41 -30.23 -10.01 7.39
CA ARG B 41 -29.44 -10.10 6.17
C ARG B 41 -30.33 -9.97 4.94
N SER B 42 -31.49 -10.62 4.96
CA SER B 42 -32.37 -10.58 3.80
C SER B 42 -32.86 -9.16 3.53
N ILE B 43 -33.24 -8.43 4.58
CA ILE B 43 -33.72 -7.06 4.34
C ILE B 43 -32.56 -6.17 3.91
N GLN B 44 -31.33 -6.48 4.35
CA GLN B 44 -30.18 -5.72 3.86
C GLN B 44 -29.93 -5.96 2.38
N TYR B 45 -29.93 -7.24 1.97
CA TYR B 45 -29.64 -7.57 0.58
C TYR B 45 -30.86 -7.35 -0.32
N ALA B 46 -32.04 -7.18 0.29
CA ALA B 46 -33.33 -7.24 -0.37
C ALA B 46 -33.33 -6.62 -1.76
N SER B 47 -32.76 -5.43 -1.88
CA SER B 47 -32.62 -4.78 -3.17
C SER B 47 -31.37 -3.90 -3.09
N ARG B 48 -31.22 -2.99 -4.05
CA ARG B 48 -30.18 -1.98 -3.98
C ARG B 48 -30.63 -0.84 -3.07
N GLY B 49 -30.95 -1.21 -1.83
CA GLY B 49 -31.51 -0.30 -0.86
C GLY B 49 -30.66 0.94 -0.64
N GLU B 50 -31.16 2.08 -1.11
CA GLU B 50 -30.35 3.30 -1.13
C GLU B 50 -31.12 4.49 -0.59
N ARG B 51 -32.41 4.34 -0.36
CA ARG B 51 -33.15 5.49 0.18
C ARG B 51 -33.16 5.46 1.69
N HIS B 52 -31.99 5.20 2.30
CA HIS B 52 -31.74 5.44 3.71
C HIS B 52 -32.72 4.71 4.63
N SER B 53 -33.63 3.92 4.05
CA SER B 53 -34.66 3.25 4.82
C SER B 53 -34.10 1.94 5.37
N ALA B 54 -32.91 1.56 4.89
CA ALA B 54 -32.27 0.33 5.32
C ALA B 54 -30.85 0.56 5.83
N TYR B 55 -30.10 1.46 5.20
CA TYR B 55 -28.68 1.59 5.51
C TYR B 55 -28.46 1.83 7.00
N ASN B 56 -29.13 2.83 7.55
CA ASN B 56 -29.05 3.06 8.99
C ASN B 56 -29.53 1.85 9.77
N GLU B 57 -30.64 1.25 9.33
CA GLU B 57 -31.24 0.14 10.08
C GLU B 57 -30.35 -1.08 10.07
N TRP B 58 -29.89 -1.52 8.89
CA TRP B 58 -29.09 -2.74 8.87
C TRP B 58 -27.69 -2.50 9.40
N LYS B 59 -27.19 -1.26 9.32
CA LYS B 59 -25.90 -0.97 9.94
C LYS B 59 -25.99 -0.98 11.46
N LYS B 60 -27.10 -0.52 12.04
CA LYS B 60 -27.24 -0.60 13.49
C LYS B 60 -27.64 -1.98 13.96
N ALA B 61 -28.19 -2.81 13.07
CA ALA B 61 -28.58 -4.17 13.47
C ALA B 61 -27.40 -5.14 13.39
N LEU B 62 -26.78 -5.27 12.22
CA LEU B 62 -25.84 -6.36 12.00
C LEU B 62 -24.38 -5.96 12.22
N PHE B 63 -24.10 -4.73 12.63
CA PHE B 63 -22.74 -4.28 12.89
C PHE B 63 -22.74 -3.35 14.10
N LYS B 64 -21.77 -3.52 14.99
CA LYS B 64 -21.71 -2.70 16.19
C LYS B 64 -20.81 -1.50 15.94
N PRO B 65 -21.12 -0.33 16.50
CA PRO B 65 -20.28 0.86 16.27
C PRO B 65 -19.01 0.84 17.09
N ALA B 66 -17.90 1.23 16.48
CA ALA B 66 -16.60 1.24 17.14
C ALA B 66 -16.03 2.65 17.20
N ASP B 67 -15.37 2.95 18.32
CA ASP B 67 -14.70 4.22 18.52
C ASP B 67 -13.21 4.06 18.22
N VAL B 68 -12.73 4.82 17.24
CA VAL B 68 -11.37 4.70 16.75
C VAL B 68 -10.59 5.94 17.20
N ILE B 69 -9.45 5.72 17.84
CA ILE B 69 -8.59 6.78 18.33
C ILE B 69 -7.19 6.57 17.76
N LEU B 70 -6.60 7.64 17.26
CA LEU B 70 -5.26 7.59 16.66
C LEU B 70 -4.20 7.80 17.73
N ASP B 71 -3.15 6.98 17.68
CA ASP B 71 -2.05 7.09 18.63
C ASP B 71 -0.85 7.71 17.95
N PRO B 72 -0.19 8.70 18.56
CA PRO B 72 1.00 9.31 17.94
C PRO B 72 2.20 8.38 17.87
N LYS B 73 2.24 7.29 18.64
CA LYS B 73 3.39 6.42 18.71
C LYS B 73 3.65 5.65 17.42
N THR B 74 2.69 5.62 16.49
CA THR B 74 2.85 4.91 15.24
C THR B 74 3.06 5.81 14.03
N ALA B 75 2.77 7.11 14.15
CA ALA B 75 2.74 7.98 12.99
C ALA B 75 4.14 8.24 12.45
N ASN B 76 4.23 8.34 11.13
CA ASN B 76 5.46 8.79 10.49
C ASN B 76 5.79 10.21 10.95
N PRO B 77 7.07 10.57 11.08
CA PRO B 77 7.41 11.90 11.60
C PRO B 77 6.91 13.07 10.76
N ILE B 78 6.25 12.78 9.63
CA ILE B 78 5.70 13.85 8.79
C ILE B 78 4.32 14.26 9.30
N LEU B 79 3.60 13.32 9.90
CA LEU B 79 2.18 13.54 10.19
C LEU B 79 1.96 14.26 11.51
N LEU B 80 0.81 14.91 11.62
CA LEU B 80 0.40 15.66 12.80
C LEU B 80 -0.97 15.17 13.24
N VAL B 81 -1.13 14.96 14.55
CA VAL B 81 -2.36 14.42 15.12
C VAL B 81 -2.93 15.46 16.08
N SER B 82 -4.27 15.59 16.08
CA SER B 82 -4.92 16.63 16.85
C SER B 82 -4.97 16.26 18.34
N GLU B 83 -5.46 17.21 19.15
CA GLU B 83 -5.59 16.95 20.58
C GLU B 83 -6.76 16.02 20.90
N ASP B 84 -7.79 16.02 20.06
CA ASP B 84 -8.88 15.07 20.18
C ASP B 84 -8.48 13.66 19.75
N GLN B 85 -7.34 13.52 19.06
CA GLN B 85 -6.93 12.27 18.43
C GLN B 85 -7.99 11.78 17.44
N ARG B 86 -8.48 12.69 16.61
CA ARG B 86 -9.50 12.39 15.62
C ARG B 86 -9.05 12.73 14.20
N SER B 87 -8.29 13.80 14.03
CA SER B 87 -7.90 14.25 12.69
C SER B 87 -6.41 14.01 12.45
N VAL B 88 -6.04 13.99 11.18
CA VAL B 88 -4.65 13.84 10.76
C VAL B 88 -4.34 14.93 9.74
N GLN B 89 -3.12 15.45 9.79
CA GLN B 89 -2.67 16.47 8.84
C GLN B 89 -1.22 16.17 8.46
N ARG B 90 -0.77 16.77 7.35
CA ARG B 90 0.60 16.62 6.90
C ARG B 90 1.36 17.91 7.13
N ALA B 91 2.59 17.79 7.62
CA ALA B 91 3.43 18.95 7.90
C ALA B 91 4.41 19.17 6.75
N LYS B 92 4.92 20.40 6.67
CA LYS B 92 5.87 20.76 5.62
C LYS B 92 7.20 20.04 5.76
N GLU B 93 7.73 19.93 6.98
CA GLU B 93 9.00 19.28 7.25
C GLU B 93 8.82 18.20 8.29
N PRO B 94 9.59 17.11 8.20
CA PRO B 94 9.50 16.05 9.21
C PRO B 94 9.92 16.55 10.59
N GLN B 95 9.29 15.99 11.62
CA GLN B 95 9.61 16.33 13.00
C GLN B 95 10.82 15.52 13.45
N ASP B 96 11.22 15.70 14.72
CA ASP B 96 12.30 14.94 15.32
C ASP B 96 11.72 14.13 16.47
N LEU B 97 11.53 12.83 16.26
CA LEU B 97 10.90 11.96 17.24
C LEU B 97 11.71 10.68 17.33
N PRO B 98 11.73 10.03 18.49
CA PRO B 98 12.56 8.83 18.64
C PRO B 98 12.09 7.69 17.75
N ASP B 99 13.04 6.82 17.40
CA ASP B 99 12.78 5.67 16.54
C ASP B 99 12.43 4.48 17.43
N ASN B 100 11.18 4.46 17.91
CA ASN B 100 10.69 3.29 18.62
C ASN B 100 10.30 2.20 17.61
N PRO B 101 10.33 0.92 18.02
CA PRO B 101 10.15 -0.16 17.04
C PRO B 101 8.72 -0.38 16.61
N GLU B 102 7.84 0.58 16.93
CA GLU B 102 6.46 0.56 16.47
C GLU B 102 6.09 1.85 15.76
N ARG B 103 6.98 2.35 14.91
CA ARG B 103 6.74 3.56 14.13
C ARG B 103 7.00 3.27 12.67
N PHE B 104 6.19 3.86 11.79
CA PHE B 104 6.40 3.74 10.35
C PHE B 104 7.47 4.74 9.92
N ASN B 105 8.64 4.24 9.53
CA ASN B 105 9.75 5.13 9.21
C ASN B 105 9.76 5.59 7.75
N TRP B 106 9.26 4.77 6.82
CA TRP B 106 9.26 5.13 5.41
C TRP B 106 7.87 5.50 4.91
N HIS B 107 6.89 4.63 5.12
CA HIS B 107 5.54 4.91 4.65
C HIS B 107 4.91 6.02 5.48
N TYR B 108 3.78 6.54 4.98
CA TYR B 108 3.09 7.66 5.60
C TYR B 108 1.85 7.20 6.38
N CYS B 109 1.93 6.08 7.06
CA CYS B 109 0.75 5.46 7.66
C CYS B 109 0.67 5.73 9.15
N VAL B 110 -0.57 5.85 9.65
CA VAL B 110 -0.85 5.92 11.07
C VAL B 110 -1.87 4.83 11.39
N LEU B 111 -1.66 4.15 12.51
CA LEU B 111 -2.52 3.04 12.90
C LEU B 111 -3.51 3.49 13.97
N GLY B 112 -4.49 2.64 14.28
CA GLY B 112 -5.41 2.89 15.37
C GLY B 112 -4.82 2.41 16.68
N CYS B 113 -5.68 2.33 17.69
CA CYS B 113 -5.22 1.90 19.02
C CYS B 113 -5.60 0.45 19.32
N GLU B 114 -6.89 0.13 19.18
CA GLU B 114 -7.40 -1.17 19.58
C GLU B 114 -7.31 -2.17 18.45
N SER B 115 -7.34 -3.45 18.80
CA SER B 115 -7.30 -4.53 17.82
C SER B 115 -8.65 -5.22 17.75
N PHE B 116 -8.86 -6.00 16.70
CA PHE B 116 -10.12 -6.73 16.51
C PHE B 116 -9.77 -8.22 16.42
N ILE B 117 -10.43 -9.02 17.26
CA ILE B 117 -10.15 -10.46 17.28
C ILE B 117 -11.30 -11.23 16.66
N SER B 118 -12.54 -10.91 17.07
CA SER B 118 -13.72 -11.59 16.54
C SER B 118 -14.90 -10.63 16.62
N GLY B 119 -15.86 -10.79 15.71
CA GLY B 119 -17.08 -10.01 15.74
C GLY B 119 -17.40 -9.33 14.42
N ARG B 120 -18.23 -8.30 14.51
CA ARG B 120 -18.63 -7.49 13.37
C ARG B 120 -18.63 -6.03 13.79
N HIS B 121 -17.83 -5.20 13.11
CA HIS B 121 -17.66 -3.81 13.51
C HIS B 121 -17.72 -2.91 12.28
N TYR B 122 -17.81 -1.61 12.52
CA TYR B 122 -17.83 -0.64 11.44
C TYR B 122 -17.45 0.74 11.97
N TRP B 123 -17.03 1.61 11.05
CA TRP B 123 -16.74 3.01 11.40
C TRP B 123 -16.87 3.86 10.14
N GLU B 124 -16.91 5.19 10.35
CA GLU B 124 -17.16 6.14 9.27
C GLU B 124 -16.07 7.19 9.25
N VAL B 125 -15.63 7.56 8.05
CA VAL B 125 -14.54 8.51 7.87
C VAL B 125 -14.96 9.58 6.86
N GLU B 126 -14.63 10.83 7.18
CA GLU B 126 -14.91 11.97 6.32
C GLU B 126 -13.69 12.32 5.48
N VAL B 127 -13.88 12.29 4.16
CA VAL B 127 -12.82 12.62 3.23
C VAL B 127 -12.95 14.01 2.62
N GLY B 128 -14.11 14.65 2.73
CA GLY B 128 -14.25 16.01 2.26
C GLY B 128 -13.99 16.13 0.77
N ASP B 129 -13.27 17.18 0.38
CA ASP B 129 -12.93 17.47 -1.00
C ASP B 129 -11.44 17.31 -1.23
N ARG B 130 -10.85 16.31 -0.60
CA ARG B 130 -9.43 16.02 -0.75
C ARG B 130 -9.15 15.52 -2.17
N LYS B 131 -7.86 15.37 -2.47
CA LYS B 131 -7.43 14.89 -3.77
C LYS B 131 -6.65 13.59 -3.72
N GLU B 132 -6.34 13.07 -2.53
CA GLU B 132 -5.53 11.86 -2.42
C GLU B 132 -5.70 11.28 -1.03
N TRP B 133 -6.08 10.00 -0.95
CA TRP B 133 -6.15 9.31 0.33
C TRP B 133 -6.22 7.80 0.11
N HIS B 134 -5.87 7.05 1.14
CA HIS B 134 -6.01 5.60 1.13
C HIS B 134 -6.39 5.12 2.53
N ILE B 135 -7.36 4.21 2.61
CA ILE B 135 -7.83 3.71 3.90
C ILE B 135 -8.02 2.21 3.82
N GLY B 136 -7.95 1.55 4.99
CA GLY B 136 -8.23 0.12 5.03
C GLY B 136 -7.87 -0.50 6.37
N VAL B 137 -7.52 -1.79 6.33
CA VAL B 137 -7.12 -2.53 7.51
C VAL B 137 -5.80 -3.25 7.25
N CYS B 138 -5.10 -3.58 8.33
CA CYS B 138 -3.78 -4.18 8.23
C CYS B 138 -3.55 -5.13 9.40
N SER B 139 -2.62 -6.06 9.20
CA SER B 139 -2.30 -7.07 10.21
C SER B 139 -1.35 -6.47 11.25
N LYS B 140 -1.05 -7.24 12.30
CA LYS B 140 -0.17 -6.78 13.36
C LYS B 140 1.31 -7.02 13.08
N ASN B 141 1.67 -8.12 12.45
CA ASN B 141 3.07 -8.48 12.21
C ASN B 141 3.57 -7.99 10.86
N VAL B 142 3.03 -6.90 10.36
CA VAL B 142 3.42 -6.37 9.05
C VAL B 142 4.76 -5.67 9.19
N GLN B 143 5.42 -5.44 8.06
CA GLN B 143 6.76 -4.86 8.06
C GLN B 143 6.65 -3.34 8.12
N ARG B 144 7.35 -2.73 9.08
CA ARG B 144 7.24 -1.30 9.32
C ARG B 144 8.51 -0.52 8.99
N LYS B 145 9.65 -1.19 8.84
CA LYS B 145 10.92 -0.53 8.57
C LYS B 145 11.40 -0.87 7.16
N GLY B 146 11.21 0.09 6.25
CA GLY B 146 11.59 -0.11 4.87
C GLY B 146 10.42 0.15 3.93
N TRP B 147 10.55 -0.37 2.71
CA TRP B 147 9.50 -0.30 1.71
C TRP B 147 8.98 -1.70 1.45
N VAL B 148 7.67 -1.88 1.55
CA VAL B 148 7.01 -3.13 1.19
C VAL B 148 5.73 -2.77 0.45
N LYS B 149 5.42 -3.51 -0.61
CA LYS B 149 4.24 -3.20 -1.40
C LYS B 149 2.99 -3.47 -0.58
N MET B 150 2.03 -2.56 -0.67
CA MET B 150 0.78 -2.67 0.08
C MET B 150 -0.12 -3.66 -0.65
N THR B 151 -0.11 -4.90 -0.22
CA THR B 151 -0.77 -6.02 -0.88
C THR B 151 -1.35 -6.95 0.16
N PRO B 152 -2.49 -7.59 -0.14
CA PRO B 152 -3.04 -8.60 0.78
C PRO B 152 -2.07 -9.72 1.12
N GLU B 153 -1.20 -10.12 0.20
CA GLU B 153 -0.17 -11.10 0.48
C GLU B 153 0.90 -10.59 1.44
N ASN B 154 0.91 -9.29 1.72
CA ASN B 154 1.79 -8.73 2.73
C ASN B 154 1.05 -8.31 3.99
N GLY B 155 -0.27 -8.25 3.95
CA GLY B 155 -1.07 -7.93 5.13
C GLY B 155 -1.86 -6.64 5.07
N PHE B 156 -2.12 -6.09 3.89
CA PHE B 156 -2.83 -4.83 3.73
C PHE B 156 -4.09 -5.06 2.91
N TRP B 157 -5.22 -4.51 3.37
CA TRP B 157 -6.46 -4.52 2.61
C TRP B 157 -6.98 -3.09 2.58
N THR B 158 -6.67 -2.36 1.51
CA THR B 158 -6.91 -0.92 1.45
C THR B 158 -7.44 -0.53 0.06
N MET B 159 -7.94 0.70 -0.02
CA MET B 159 -8.34 1.29 -1.29
C MET B 159 -8.33 2.81 -1.14
N GLY B 160 -8.36 3.51 -2.27
CA GLY B 160 -8.44 4.96 -2.19
C GLY B 160 -8.29 5.67 -3.52
N LEU B 161 -8.09 6.98 -3.43
CA LEU B 161 -8.10 7.89 -4.57
C LEU B 161 -6.76 8.59 -4.73
N THR B 162 -6.30 8.67 -5.97
CA THR B 162 -5.10 9.40 -6.35
C THR B 162 -5.41 10.28 -7.56
N ASP B 163 -4.61 11.34 -7.70
CA ASP B 163 -4.61 12.26 -8.84
C ASP B 163 -5.84 13.15 -8.91
N GLY B 164 -6.79 13.02 -8.00
CA GLY B 164 -8.00 13.80 -8.02
C GLY B 164 -9.13 13.21 -8.82
N ASN B 165 -8.86 12.23 -9.69
CA ASN B 165 -9.88 11.55 -10.47
C ASN B 165 -9.76 10.03 -10.52
N LYS B 166 -8.67 9.45 -10.03
CA LYS B 166 -8.45 8.02 -10.19
C LYS B 166 -8.72 7.27 -8.89
N TYR B 167 -9.76 6.45 -8.89
CA TYR B 167 -10.07 5.57 -7.77
C TYR B 167 -9.51 4.19 -8.05
N ARG B 168 -8.99 3.54 -7.00
CA ARG B 168 -8.39 2.23 -7.22
C ARG B 168 -8.35 1.44 -5.92
N THR B 169 -8.16 0.14 -6.07
CA THR B 169 -7.92 -0.79 -4.97
C THR B 169 -6.48 -1.30 -5.10
N LEU B 170 -5.81 -1.48 -3.97
CA LEU B 170 -4.39 -1.79 -3.97
C LEU B 170 -4.20 -3.30 -3.96
N THR B 171 -4.05 -3.88 -5.15
CA THR B 171 -3.77 -5.30 -5.34
C THR B 171 -2.55 -5.47 -6.24
N GLU B 172 -2.25 -6.72 -6.59
CA GLU B 172 -1.15 -7.03 -7.51
C GLU B 172 -1.70 -7.70 -8.76
N PRO B 173 -1.78 -7.00 -9.90
CA PRO B 173 -1.52 -5.57 -10.10
C PRO B 173 -2.72 -4.70 -9.74
N ARG B 174 -2.53 -3.38 -9.65
CA ARG B 174 -3.59 -2.49 -9.21
C ARG B 174 -4.73 -2.49 -10.22
N THR B 175 -5.96 -2.32 -9.71
CA THR B 175 -7.17 -2.33 -10.53
C THR B 175 -7.83 -0.97 -10.47
N ASN B 176 -8.74 -0.71 -11.41
CA ASN B 176 -9.41 0.57 -11.49
C ASN B 176 -10.90 0.42 -11.19
N LEU B 177 -11.41 1.35 -10.38
CA LEU B 177 -12.83 1.38 -10.06
C LEU B 177 -13.47 2.52 -10.84
N LYS B 178 -14.75 2.34 -11.18
CA LYS B 178 -15.49 3.33 -11.96
C LYS B 178 -16.75 3.71 -11.21
N LEU B 179 -16.72 4.86 -10.55
CA LEU B 179 -17.86 5.35 -9.77
C LEU B 179 -18.56 6.45 -10.55
N PRO B 180 -19.90 6.49 -10.47
CA PRO B 180 -20.63 7.59 -11.14
C PRO B 180 -20.84 8.81 -10.25
N LYS B 181 -20.37 8.80 -9.01
CA LYS B 181 -20.57 9.90 -8.10
C LYS B 181 -19.27 10.17 -7.35
N THR B 182 -19.28 11.27 -6.59
CA THR B 182 -18.12 11.66 -5.80
C THR B 182 -18.38 11.34 -4.34
N PRO B 183 -17.74 10.32 -3.77
CA PRO B 183 -17.94 10.04 -2.34
C PRO B 183 -17.42 11.18 -1.47
N LYS B 184 -18.17 11.48 -0.41
CA LYS B 184 -17.78 12.53 0.52
C LYS B 184 -17.55 11.94 1.91
N LYS B 185 -18.17 10.78 2.18
CA LYS B 185 -18.03 10.06 3.45
C LYS B 185 -17.97 8.56 3.10
N VAL B 186 -17.12 7.82 3.82
CA VAL B 186 -16.91 6.41 3.51
C VAL B 186 -17.12 5.59 4.77
N GLY B 187 -17.90 4.53 4.65
CA GLY B 187 -18.15 3.59 5.75
C GLY B 187 -17.38 2.30 5.53
N VAL B 188 -16.65 1.87 6.56
CA VAL B 188 -15.84 0.66 6.51
C VAL B 188 -16.46 -0.36 7.47
N PHE B 189 -16.73 -1.55 6.95
CA PHE B 189 -17.35 -2.64 7.70
C PHE B 189 -16.43 -3.85 7.71
N LEU B 190 -16.34 -4.53 8.85
CA LEU B 190 -15.50 -5.71 9.01
C LEU B 190 -16.30 -6.84 9.66
N ASP B 191 -16.22 -8.03 9.06
CA ASP B 191 -16.76 -9.26 9.62
C ASP B 191 -15.66 -10.29 9.65
N TYR B 192 -15.36 -10.81 10.85
CA TYR B 192 -14.16 -11.59 11.08
C TYR B 192 -14.33 -13.07 10.72
N GLU B 193 -15.34 -13.73 11.26
CA GLU B 193 -15.50 -15.16 11.05
C GLU B 193 -15.72 -15.50 9.59
N THR B 194 -16.54 -14.69 8.90
CA THR B 194 -16.73 -14.89 7.48
C THR B 194 -15.51 -14.47 6.67
N GLY B 195 -14.87 -13.36 7.02
CA GLY B 195 -13.75 -12.85 6.27
C GLY B 195 -14.15 -11.80 5.26
N ASP B 196 -14.90 -10.79 5.70
CA ASP B 196 -15.49 -9.80 4.81
C ASP B 196 -15.04 -8.40 5.19
N ILE B 197 -14.55 -7.64 4.22
CA ILE B 197 -14.22 -6.24 4.39
C ILE B 197 -14.99 -5.45 3.33
N SER B 198 -15.73 -4.44 3.76
CA SER B 198 -16.64 -3.76 2.86
C SER B 198 -16.45 -2.25 2.95
N PHE B 199 -16.43 -1.60 1.78
CA PHE B 199 -16.39 -0.14 1.70
C PHE B 199 -17.67 0.35 1.03
N TYR B 200 -18.38 1.25 1.73
CA TYR B 200 -19.69 1.78 1.34
C TYR B 200 -19.67 3.30 1.30
N ASN B 201 -20.64 3.87 0.60
CA ASN B 201 -20.89 5.31 0.58
C ASN B 201 -21.96 5.63 1.62
N ALA B 202 -21.64 6.49 2.57
CA ALA B 202 -22.47 6.71 3.75
C ALA B 202 -23.43 7.88 3.62
N VAL B 203 -23.49 8.54 2.47
CA VAL B 203 -24.43 9.64 2.31
C VAL B 203 -25.71 9.16 1.62
N ASP B 204 -25.59 8.30 0.62
CA ASP B 204 -26.77 7.72 0.00
C ASP B 204 -26.94 6.25 0.35
N GLY B 205 -25.91 5.43 0.20
CA GLY B 205 -25.98 4.01 0.50
C GLY B 205 -25.45 3.10 -0.59
N SER B 206 -24.82 3.63 -1.63
CA SER B 206 -24.31 2.79 -2.71
C SER B 206 -23.14 1.95 -2.22
N HIS B 207 -22.82 0.91 -2.97
CA HIS B 207 -21.79 -0.04 -2.58
C HIS B 207 -20.54 0.14 -3.43
N ILE B 208 -19.40 0.27 -2.77
CA ILE B 208 -18.14 0.59 -3.43
C ILE B 208 -17.31 -0.67 -3.69
N HIS B 209 -16.93 -1.39 -2.63
CA HIS B 209 -16.12 -2.58 -2.87
C HIS B 209 -16.21 -3.56 -1.71
N THR B 210 -15.76 -4.79 -1.97
CA THR B 210 -15.81 -5.87 -0.98
C THR B 210 -14.65 -6.84 -1.21
N PHE B 211 -13.82 -7.01 -0.18
CA PHE B 211 -12.84 -8.10 -0.09
C PHE B 211 -13.51 -9.26 0.62
N LEU B 212 -13.52 -10.43 -0.01
CA LEU B 212 -14.25 -11.57 0.52
C LEU B 212 -13.41 -12.83 0.44
N ASP B 213 -13.77 -13.79 1.30
CA ASP B 213 -13.16 -15.12 1.34
C ASP B 213 -11.66 -15.02 1.62
N VAL B 214 -11.35 -14.48 2.80
CA VAL B 214 -9.98 -14.34 3.26
C VAL B 214 -9.90 -14.90 4.68
N SER B 215 -8.89 -15.71 4.94
CA SER B 215 -8.71 -16.34 6.25
C SER B 215 -7.74 -15.49 7.07
N PHE B 216 -8.29 -14.82 8.09
CA PHE B 216 -7.47 -14.06 9.02
C PHE B 216 -6.93 -14.98 10.10
N SER B 217 -5.63 -14.89 10.37
CA SER B 217 -5.02 -15.71 11.41
C SER B 217 -4.37 -14.86 12.50
N GLU B 218 -4.50 -13.54 12.42
CA GLU B 218 -3.95 -12.66 13.44
C GLU B 218 -4.94 -11.53 13.71
N ALA B 219 -4.47 -10.51 14.39
CA ALA B 219 -5.30 -9.37 14.75
C ALA B 219 -5.22 -8.28 13.68
N LEU B 220 -6.23 -7.43 13.64
CA LEU B 220 -6.37 -6.41 12.61
C LEU B 220 -6.49 -5.02 13.22
N TYR B 221 -5.93 -4.04 12.52
CA TYR B 221 -5.88 -2.64 12.88
C TYR B 221 -6.43 -1.80 11.75
N PRO B 222 -7.06 -0.66 12.05
CA PRO B 222 -7.39 0.32 11.01
C PRO B 222 -6.15 1.09 10.55
N VAL B 223 -6.08 1.44 9.26
CA VAL B 223 -4.91 2.11 8.71
C VAL B 223 -5.36 3.23 7.75
N PHE B 224 -4.66 4.36 7.83
CA PHE B 224 -4.89 5.53 7.02
C PHE B 224 -3.59 5.96 6.35
N ARG B 225 -3.69 6.59 5.17
CA ARG B 225 -2.52 6.99 4.42
C ARG B 225 -2.83 8.24 3.61
N ILE B 226 -1.98 9.26 3.74
CA ILE B 226 -2.07 10.50 2.97
C ILE B 226 -0.68 10.86 2.45
N LEU B 227 -0.63 11.63 1.37
CA LEU B 227 0.63 11.91 0.69
C LEU B 227 0.75 13.35 0.21
N THR B 228 -0.21 14.21 0.53
CA THR B 228 -0.21 15.56 -0.02
C THR B 228 -0.47 16.60 1.07
N LEU B 229 -0.18 17.86 0.73
CA LEU B 229 -0.36 18.97 1.64
C LEU B 229 -1.55 19.83 1.20
N GLU B 230 -2.64 19.74 1.97
CA GLU B 230 -3.91 20.35 1.60
C GLU B 230 -4.47 21.06 2.82
N PRO B 231 -5.38 22.02 2.63
CA PRO B 231 -6.07 22.63 3.78
C PRO B 231 -7.18 21.79 4.37
N THR B 232 -7.38 20.56 3.90
CA THR B 232 -8.44 19.69 4.40
C THR B 232 -7.83 18.51 5.15
N ALA B 233 -8.47 18.12 6.24
CA ALA B 233 -7.98 17.06 7.11
C ALA B 233 -8.89 15.83 7.02
N LEU B 234 -8.36 14.69 7.48
CA LEU B 234 -9.11 13.44 7.53
C LEU B 234 -9.76 13.31 8.91
N THR B 235 -11.09 13.36 8.92
CA THR B 235 -11.82 13.32 10.17
C THR B 235 -12.45 11.94 10.37
N ILE B 236 -12.48 11.51 11.63
CA ILE B 236 -13.15 10.28 12.04
C ILE B 236 -14.42 10.67 12.79
N CYS B 237 -15.56 10.29 12.23
CA CYS B 237 -16.83 10.63 12.84
C CYS B 237 -17.04 9.83 14.13
N PRO B 238 -17.35 10.51 15.23
CA PRO B 238 -17.50 9.81 16.51
C PRO B 238 -18.85 9.15 16.63
N ALA B 239 -18.91 8.14 17.49
CA ALA B 239 -20.15 7.41 17.73
C ALA B 239 -20.14 6.74 19.10
N LYS C 1 -33.39 -56.09 45.26
CA LYS C 1 -34.25 -54.99 44.84
C LYS C 1 -33.45 -53.70 44.63
N GLU C 2 -32.36 -53.57 45.38
CA GLU C 2 -31.52 -52.38 45.24
C GLU C 2 -30.74 -52.40 43.94
N LYS C 3 -30.13 -53.54 43.61
CA LYS C 3 -29.34 -53.64 42.38
C LYS C 3 -30.19 -53.42 41.15
N ILE C 4 -31.37 -54.04 41.09
CA ILE C 4 -32.24 -53.86 39.95
C ILE C 4 -32.75 -52.42 39.87
N ALA C 5 -33.00 -51.79 41.02
CA ALA C 5 -33.41 -50.39 41.01
C ALA C 5 -32.31 -49.50 40.43
N LEU C 6 -31.06 -49.73 40.84
CA LEU C 6 -29.96 -48.95 40.29
C LEU C 6 -29.81 -49.21 38.80
N SER C 7 -29.98 -50.46 38.37
CA SER C 7 -29.87 -50.78 36.94
C SER C 7 -30.96 -50.09 36.13
N ARG C 8 -32.20 -50.08 36.64
CA ARG C 8 -33.28 -49.46 35.88
C ARG C 8 -33.14 -47.94 35.88
N GLU C 9 -32.62 -47.35 36.95
CA GLU C 9 -32.30 -45.93 36.91
C GLU C 9 -31.21 -45.64 35.88
N THR C 10 -30.22 -46.52 35.79
CA THR C 10 -29.19 -46.36 34.78
C THR C 10 -29.77 -46.42 33.37
N GLU C 11 -30.69 -47.36 33.14
CA GLU C 11 -31.33 -47.46 31.83
C GLU C 11 -32.17 -46.22 31.52
N ARG C 12 -32.87 -45.69 32.52
CA ARG C 12 -33.64 -44.46 32.34
C ARG C 12 -32.73 -43.29 31.98
N GLU C 13 -31.58 -43.17 32.66
CA GLU C 13 -30.65 -42.11 32.30
C GLU C 13 -30.07 -42.31 30.90
N ARG C 14 -29.85 -43.57 30.51
CA ARG C 14 -29.41 -43.86 29.15
C ARG C 14 -30.43 -43.39 28.12
N GLU C 15 -31.71 -43.66 28.38
CA GLU C 15 -32.75 -43.20 27.47
C GLU C 15 -32.80 -41.68 27.43
N MET C 16 -32.64 -41.03 28.60
CA MET C 16 -32.53 -39.58 28.64
C MET C 16 -31.43 -39.08 27.73
N LYS C 17 -30.24 -39.68 27.85
CA LYS C 17 -29.11 -39.24 27.03
C LYS C 17 -29.39 -39.45 25.56
N GLU C 18 -30.00 -40.59 25.19
CA GLU C 18 -30.17 -40.88 23.77
C GLU C 18 -31.22 -39.96 23.14
N MET C 19 -32.32 -39.66 23.84
CA MET C 19 -33.26 -38.74 23.21
C MET C 19 -32.75 -37.30 23.24
N GLY C 20 -31.96 -36.93 24.25
CA GLY C 20 -31.28 -35.64 24.19
C GLY C 20 -30.38 -35.54 22.97
N TYR C 21 -29.66 -36.62 22.67
CA TYR C 21 -28.79 -36.64 21.49
C TYR C 21 -29.61 -36.57 20.21
N ALA C 22 -30.76 -37.24 20.18
CA ALA C 22 -31.62 -37.17 19.00
C ALA C 22 -32.11 -35.75 18.74
N ALA C 23 -32.54 -35.06 19.81
CA ALA C 23 -32.96 -33.67 19.66
C ALA C 23 -31.78 -32.79 19.24
N THR C 24 -30.59 -33.07 19.76
CA THR C 24 -29.40 -32.36 19.32
C THR C 24 -29.19 -32.52 17.82
N GLU C 25 -29.35 -33.75 17.31
CA GLU C 25 -29.16 -34.02 15.89
C GLU C 25 -30.18 -33.26 15.05
N GLN C 26 -31.45 -33.26 15.46
CA GLN C 26 -32.44 -32.53 14.67
C GLN C 26 -32.16 -31.04 14.69
N GLU C 27 -31.72 -30.51 15.84
CA GLU C 27 -31.41 -29.09 15.93
C GLU C 27 -30.24 -28.71 15.02
N ILE C 28 -29.18 -29.51 15.00
CA ILE C 28 -28.04 -29.17 14.16
C ILE C 28 -28.41 -29.30 12.69
N SER C 29 -29.29 -30.24 12.36
CA SER C 29 -29.77 -30.35 10.98
C SER C 29 -30.49 -29.07 10.56
N LEU C 30 -31.38 -28.56 11.42
CA LEU C 30 -32.07 -27.30 11.10
C LEU C 30 -31.07 -26.15 10.94
N ARG C 31 -30.11 -26.06 11.86
CA ARG C 31 -29.12 -24.98 11.80
C ARG C 31 -28.32 -25.05 10.50
N GLU C 32 -27.93 -26.26 10.09
CA GLU C 32 -27.13 -26.40 8.88
C GLU C 32 -27.94 -26.04 7.64
N LYS C 33 -29.23 -26.37 7.64
CA LYS C 33 -30.10 -25.94 6.55
C LYS C 33 -30.14 -24.41 6.46
N LEU C 34 -30.28 -23.75 7.61
CA LEU C 34 -30.28 -22.29 7.61
C LEU C 34 -28.95 -21.74 7.08
N GLN C 35 -27.84 -22.36 7.46
CA GLN C 35 -26.54 -21.90 6.98
C GLN C 35 -26.42 -22.03 5.47
N GLU C 36 -26.89 -23.16 4.90
CA GLU C 36 -26.85 -23.30 3.45
C GLU C 36 -27.66 -22.21 2.76
N GLU C 37 -28.88 -21.95 3.25
CA GLU C 37 -29.68 -20.93 2.61
C GLU C 37 -29.01 -19.56 2.70
N LEU C 38 -28.42 -19.25 3.86
CA LEU C 38 -27.76 -17.97 4.03
C LEU C 38 -26.62 -17.79 3.03
N LYS C 39 -25.77 -18.82 2.87
CA LYS C 39 -24.66 -18.68 1.92
C LYS C 39 -25.15 -18.58 0.49
N TRP C 40 -26.19 -19.35 0.14
CA TRP C 40 -26.76 -19.27 -1.20
C TRP C 40 -27.23 -17.85 -1.50
N ARG C 41 -27.96 -17.24 -0.57
CA ARG C 41 -28.43 -15.87 -0.77
C ARG C 41 -27.27 -14.89 -0.83
N LYS C 42 -26.23 -15.12 -0.02
CA LYS C 42 -25.06 -14.24 -0.05
C LYS C 42 -24.44 -14.18 -1.43
N ILE C 43 -24.18 -15.36 -2.03
CA ILE C 43 -23.54 -15.36 -3.34
C ILE C 43 -24.51 -14.86 -4.41
N GLN C 44 -25.80 -15.10 -4.21
CA GLN C 44 -26.80 -14.55 -5.13
C GLN C 44 -26.74 -13.04 -5.18
N TYR C 45 -26.72 -12.39 -4.01
CA TYR C 45 -26.59 -10.94 -3.96
C TYR C 45 -25.26 -10.44 -4.48
N MET C 46 -24.15 -11.08 -4.11
CA MET C 46 -22.84 -10.60 -4.56
C MET C 46 -22.71 -10.68 -6.07
N ALA C 47 -23.20 -11.75 -6.68
CA ALA C 47 -23.22 -11.84 -8.13
C ALA C 47 -24.08 -10.78 -8.78
N ARG C 48 -25.14 -10.32 -8.10
CA ARG C 48 -26.05 -9.32 -8.67
C ARG C 48 -25.37 -7.97 -8.80
N GLY C 49 -24.19 -7.79 -8.21
CA GLY C 49 -23.42 -6.58 -8.38
C GLY C 49 -23.27 -6.12 -9.82
N GLU C 50 -22.57 -6.89 -10.65
CA GLU C 50 -22.52 -6.59 -12.08
C GLU C 50 -23.16 -7.69 -12.90
N LYS C 51 -22.63 -8.92 -12.77
CA LYS C 51 -23.07 -10.06 -13.55
C LYS C 51 -22.28 -11.28 -13.08
N SER C 52 -22.75 -12.47 -13.47
CA SER C 52 -22.04 -13.70 -13.15
C SER C 52 -22.61 -14.84 -13.98
N LEU C 53 -21.94 -15.99 -13.89
CA LEU C 53 -22.42 -17.23 -14.45
C LEU C 53 -23.17 -18.08 -13.42
N ALA C 54 -23.25 -17.62 -12.17
CA ALA C 54 -23.88 -18.36 -11.09
C ALA C 54 -25.39 -18.51 -11.27
N TYR C 55 -25.99 -17.77 -12.22
CA TYR C 55 -27.43 -17.68 -12.29
C TYR C 55 -28.06 -19.07 -12.39
N HIS C 56 -27.56 -19.90 -13.31
CA HIS C 56 -28.21 -21.19 -13.52
C HIS C 56 -27.73 -22.25 -12.54
N GLU C 57 -27.19 -21.85 -11.38
CA GLU C 57 -27.00 -22.81 -10.30
C GLU C 57 -27.89 -22.50 -9.11
N TRP C 58 -27.96 -21.22 -8.70
CA TRP C 58 -28.60 -20.92 -7.42
C TRP C 58 -30.09 -21.19 -7.46
N LYS C 59 -30.72 -21.11 -8.64
CA LYS C 59 -32.15 -21.39 -8.66
C LYS C 59 -32.43 -22.86 -8.38
N MET C 60 -31.48 -23.75 -8.69
CA MET C 60 -31.66 -25.16 -8.32
C MET C 60 -31.71 -25.32 -6.81
N ALA C 61 -31.27 -24.31 -6.06
CA ALA C 61 -31.25 -24.42 -4.62
C ALA C 61 -32.38 -23.65 -3.95
N LEU C 62 -32.56 -22.38 -4.31
CA LEU C 62 -33.50 -21.54 -3.57
C LEU C 62 -34.94 -21.92 -3.85
N PHE C 63 -35.31 -22.06 -5.13
CA PHE C 63 -36.69 -22.30 -5.54
C PHE C 63 -36.77 -23.65 -6.24
N LYS C 64 -37.93 -24.29 -6.14
CA LYS C 64 -38.08 -25.61 -6.74
C LYS C 64 -38.41 -25.51 -8.23
N PRO C 65 -37.94 -26.44 -9.05
CA PRO C 65 -38.14 -26.35 -10.51
C PRO C 65 -39.60 -26.56 -10.88
N ALA C 66 -39.95 -26.18 -12.10
CA ALA C 66 -41.33 -26.13 -12.56
C ALA C 66 -41.61 -27.23 -13.56
N ASP C 67 -42.77 -27.87 -13.43
CA ASP C 67 -43.36 -28.68 -14.49
C ASP C 67 -44.72 -28.07 -14.81
N VAL C 68 -44.71 -27.04 -15.66
CA VAL C 68 -45.94 -26.30 -15.97
C VAL C 68 -46.60 -26.94 -17.18
N ILE C 69 -47.87 -27.31 -17.03
CA ILE C 69 -48.65 -27.93 -18.09
C ILE C 69 -49.86 -27.02 -18.32
N LEU C 70 -50.10 -26.65 -19.58
CA LEU C 70 -51.17 -25.72 -19.88
C LEU C 70 -52.53 -26.37 -19.72
N ASP C 71 -53.55 -25.54 -19.45
CA ASP C 71 -54.91 -26.01 -19.33
C ASP C 71 -55.70 -25.62 -20.57
N PRO C 72 -56.09 -26.54 -21.43
CA PRO C 72 -56.86 -26.16 -22.62
C PRO C 72 -58.20 -25.51 -22.31
N ASP C 73 -58.83 -25.87 -21.17
CA ASP C 73 -60.10 -25.28 -20.82
C ASP C 73 -59.98 -23.79 -20.57
N THR C 74 -58.78 -23.33 -20.22
CA THR C 74 -58.52 -21.91 -20.06
C THR C 74 -57.94 -21.26 -21.32
N ALA C 75 -57.73 -22.03 -22.38
CA ALA C 75 -57.12 -21.50 -23.59
C ALA C 75 -58.14 -20.69 -24.38
N ASN C 76 -57.73 -19.48 -24.79
CA ASN C 76 -58.61 -18.62 -25.57
C ASN C 76 -58.78 -19.16 -26.98
N ALA C 77 -59.84 -18.69 -27.65
CA ALA C 77 -60.18 -19.22 -28.96
C ALA C 77 -59.13 -18.85 -30.01
N ILE C 78 -58.59 -17.63 -29.95
CA ILE C 78 -57.63 -17.18 -30.96
C ILE C 78 -56.23 -17.73 -30.72
N LEU C 79 -55.99 -18.44 -29.62
CA LEU C 79 -54.73 -19.13 -29.36
C LEU C 79 -54.94 -20.63 -29.35
N LEU C 80 -54.08 -21.36 -30.05
CA LEU C 80 -54.12 -22.81 -30.07
C LEU C 80 -52.95 -23.35 -29.28
N VAL C 81 -53.25 -24.18 -28.28
CA VAL C 81 -52.24 -24.79 -27.42
C VAL C 81 -51.84 -26.12 -28.04
N SER C 82 -50.53 -26.37 -28.10
CA SER C 82 -50.03 -27.63 -28.64
C SER C 82 -50.49 -28.80 -27.77
N GLU C 83 -50.41 -30.01 -28.33
CA GLU C 83 -50.95 -31.18 -27.65
C GLU C 83 -50.21 -31.45 -26.35
N ASP C 84 -48.95 -31.02 -26.24
CA ASP C 84 -48.20 -31.23 -25.00
C ASP C 84 -48.70 -30.35 -23.87
N GLN C 85 -49.58 -29.39 -24.17
CA GLN C 85 -50.04 -28.39 -23.20
C GLN C 85 -48.85 -27.69 -22.56
N ARG C 86 -47.87 -27.32 -23.40
CA ARG C 86 -46.67 -26.64 -22.97
C ARG C 86 -46.45 -25.34 -23.73
N SER C 87 -46.79 -25.30 -25.02
CA SER C 87 -46.59 -24.12 -25.84
C SER C 87 -47.91 -23.77 -26.50
N VAL C 88 -48.06 -22.50 -26.86
CA VAL C 88 -49.26 -21.99 -27.50
C VAL C 88 -48.86 -21.06 -28.64
N GLN C 89 -49.58 -21.17 -29.76
CA GLN C 89 -49.35 -20.31 -30.92
C GLN C 89 -50.64 -19.58 -31.27
N ARG C 90 -50.51 -18.29 -31.60
CA ARG C 90 -51.69 -17.50 -31.95
C ARG C 90 -52.30 -17.99 -33.25
N ALA C 91 -53.61 -18.20 -33.25
CA ALA C 91 -54.33 -18.63 -34.44
C ALA C 91 -54.98 -17.42 -35.12
N GLU C 92 -55.30 -17.60 -36.40
CA GLU C 92 -55.82 -16.49 -37.19
C GLU C 92 -57.21 -16.07 -36.71
N GLU C 93 -58.09 -17.02 -36.46
CA GLU C 93 -59.46 -16.71 -36.11
C GLU C 93 -59.91 -17.52 -34.90
N PRO C 94 -60.63 -16.89 -33.97
CA PRO C 94 -61.13 -17.60 -32.78
C PRO C 94 -61.96 -18.82 -33.16
N ARG C 95 -61.52 -19.99 -32.70
CA ARG C 95 -62.21 -21.23 -33.04
C ARG C 95 -63.53 -21.34 -32.29
N ASP C 96 -64.25 -22.42 -32.56
CA ASP C 96 -65.55 -22.68 -31.93
C ASP C 96 -65.32 -23.15 -30.51
N LEU C 97 -65.54 -22.24 -29.56
CA LEU C 97 -65.37 -22.52 -28.14
C LEU C 97 -66.58 -22.01 -27.36
N PRO C 98 -67.15 -22.80 -26.47
CA PRO C 98 -68.23 -22.29 -25.60
C PRO C 98 -67.70 -21.26 -24.61
N ASP C 99 -68.55 -20.33 -24.18
CA ASP C 99 -68.14 -19.29 -23.25
C ASP C 99 -67.69 -19.92 -21.95
N ASN C 100 -66.54 -19.48 -21.44
CA ASN C 100 -65.98 -19.97 -20.20
C ASN C 100 -65.61 -18.79 -19.30
N PRO C 101 -66.11 -18.74 -18.06
CA PRO C 101 -65.71 -17.65 -17.17
C PRO C 101 -64.23 -17.58 -16.91
N GLU C 102 -63.53 -18.72 -16.90
CA GLU C 102 -62.08 -18.73 -16.75
C GLU C 102 -61.35 -18.23 -17.99
N ARG C 103 -62.06 -18.05 -19.11
CA ARG C 103 -61.45 -17.61 -20.36
C ARG C 103 -61.67 -16.11 -20.53
N PHE C 104 -60.60 -15.40 -20.84
CA PHE C 104 -60.64 -13.94 -20.99
C PHE C 104 -61.33 -13.60 -22.30
N GLU C 105 -62.49 -12.94 -22.21
CA GLU C 105 -63.21 -12.54 -23.42
C GLU C 105 -62.43 -11.51 -24.24
N TRP C 106 -61.82 -10.53 -23.58
CA TRP C 106 -61.06 -9.49 -24.26
C TRP C 106 -59.58 -9.82 -24.38
N ARG C 107 -58.98 -10.32 -23.30
CA ARG C 107 -57.56 -10.66 -23.31
C ARG C 107 -57.33 -12.00 -23.98
N TYR C 108 -56.18 -12.11 -24.66
CA TYR C 108 -55.77 -13.37 -25.27
C TYR C 108 -54.80 -14.10 -24.32
N CYS C 109 -55.38 -14.64 -23.26
CA CYS C 109 -54.59 -15.22 -22.17
C CYS C 109 -54.92 -16.69 -21.97
N VAL C 110 -53.92 -17.44 -21.53
CA VAL C 110 -54.03 -18.87 -21.28
C VAL C 110 -53.52 -19.16 -19.86
N LEU C 111 -54.30 -19.92 -19.11
CA LEU C 111 -53.96 -20.26 -17.73
C LEU C 111 -53.61 -21.74 -17.62
N GLY C 112 -52.68 -22.05 -16.70
CA GLY C 112 -52.25 -23.41 -16.49
C GLY C 112 -53.16 -24.19 -15.56
N CYS C 113 -52.97 -25.52 -15.56
CA CYS C 113 -53.80 -26.40 -14.75
C CYS C 113 -53.59 -26.18 -13.26
N GLU C 114 -52.33 -26.22 -12.82
CA GLU C 114 -51.99 -26.29 -11.41
C GLU C 114 -52.15 -24.93 -10.74
N ASN C 115 -52.15 -24.93 -9.41
CA ASN C 115 -52.32 -23.70 -8.63
C ASN C 115 -51.12 -23.48 -7.73
N PHE C 116 -50.67 -22.23 -7.66
CA PHE C 116 -49.50 -21.85 -6.87
C PHE C 116 -49.98 -21.25 -5.55
N THR C 117 -50.37 -22.15 -4.63
CA THR C 117 -50.88 -21.70 -3.34
C THR C 117 -49.80 -21.04 -2.51
N SER C 118 -48.62 -21.64 -2.42
CA SER C 118 -47.53 -21.13 -1.60
C SER C 118 -46.22 -21.63 -2.19
N GLY C 119 -45.13 -21.41 -1.46
CA GLY C 119 -43.81 -21.79 -1.91
C GLY C 119 -43.20 -20.79 -2.87
N ARG C 120 -42.02 -21.14 -3.38
CA ARG C 120 -41.30 -20.31 -4.33
C ARG C 120 -41.10 -21.09 -5.62
N HIS C 121 -41.22 -20.43 -6.75
CA HIS C 121 -41.30 -21.12 -8.03
C HIS C 121 -40.63 -20.27 -9.11
N TYR C 122 -40.35 -20.89 -10.25
CA TYR C 122 -39.75 -20.16 -11.37
C TYR C 122 -40.05 -20.90 -12.66
N TRP C 123 -39.88 -20.21 -13.79
CA TRP C 123 -39.99 -20.86 -15.09
C TRP C 123 -39.41 -19.96 -16.17
N GLU C 124 -38.83 -20.57 -17.20
CA GLU C 124 -38.27 -19.81 -18.31
C GLU C 124 -39.12 -20.02 -19.56
N VAL C 125 -39.20 -18.97 -20.38
CA VAL C 125 -39.87 -19.04 -21.68
C VAL C 125 -38.94 -18.42 -22.71
N GLU C 126 -38.80 -19.09 -23.85
CA GLU C 126 -37.90 -18.61 -24.91
C GLU C 126 -38.69 -17.68 -25.82
N VAL C 127 -38.08 -16.55 -26.18
CA VAL C 127 -38.71 -15.61 -27.08
C VAL C 127 -37.95 -15.50 -28.41
N GLY C 128 -36.64 -15.71 -28.39
CA GLY C 128 -35.87 -15.62 -29.61
C GLY C 128 -35.92 -14.22 -30.18
N ASP C 129 -36.63 -14.07 -31.30
CA ASP C 129 -36.87 -12.79 -31.93
C ASP C 129 -38.36 -12.43 -31.94
N ARG C 130 -39.02 -12.69 -30.82
CA ARG C 130 -40.45 -12.38 -30.72
C ARG C 130 -40.70 -10.89 -30.86
N LYS C 131 -41.76 -10.54 -31.58
CA LYS C 131 -42.10 -9.15 -31.84
C LYS C 131 -42.99 -8.54 -30.76
N GLU C 132 -43.88 -9.33 -30.16
CA GLU C 132 -44.75 -8.82 -29.12
C GLU C 132 -45.23 -9.98 -28.26
N TRP C 133 -45.18 -9.80 -26.94
CA TRP C 133 -45.78 -10.76 -26.01
C TRP C 133 -45.93 -10.12 -24.65
N HIS C 134 -46.73 -10.76 -23.80
CA HIS C 134 -46.91 -10.32 -22.41
C HIS C 134 -46.87 -11.56 -21.53
N ILE C 135 -46.19 -11.45 -20.38
CA ILE C 135 -45.93 -12.58 -19.51
C ILE C 135 -46.26 -12.19 -18.06
N GLY C 136 -46.77 -13.16 -17.31
CA GLY C 136 -46.93 -12.95 -15.88
C GLY C 136 -47.84 -13.91 -15.15
N VAL C 137 -48.49 -13.42 -14.09
CA VAL C 137 -49.39 -14.22 -13.26
C VAL C 137 -50.63 -13.39 -12.94
N CYS C 138 -51.74 -14.09 -12.69
CA CYS C 138 -52.99 -13.45 -12.34
C CYS C 138 -53.81 -14.35 -11.41
N SER C 139 -54.72 -13.73 -10.65
CA SER C 139 -55.50 -14.48 -9.67
C SER C 139 -56.87 -14.85 -10.23
N LYS C 140 -57.58 -15.70 -9.47
CA LYS C 140 -58.90 -16.16 -9.89
C LYS C 140 -59.99 -15.13 -9.69
N ASN C 141 -59.93 -14.34 -8.61
CA ASN C 141 -60.97 -13.38 -8.26
C ASN C 141 -61.07 -12.23 -9.26
N VAL C 142 -60.10 -12.11 -10.16
CA VAL C 142 -60.07 -11.01 -11.10
C VAL C 142 -61.19 -11.16 -12.13
N GLU C 143 -61.44 -10.08 -12.87
CA GLU C 143 -62.47 -10.05 -13.90
C GLU C 143 -61.90 -10.61 -15.20
N ARG C 144 -62.57 -11.60 -15.77
CA ARG C 144 -62.15 -12.21 -17.02
C ARG C 144 -63.15 -12.00 -18.16
N LYS C 145 -64.13 -11.11 -17.98
CA LYS C 145 -65.10 -10.80 -19.02
C LYS C 145 -65.01 -9.36 -19.49
N LYS C 146 -64.99 -8.41 -18.57
CA LYS C 146 -64.91 -7.00 -18.95
C LYS C 146 -63.52 -6.67 -19.48
N GLY C 147 -63.49 -5.89 -20.57
CA GLY C 147 -62.25 -5.46 -21.18
C GLY C 147 -61.74 -4.12 -20.74
N TRP C 148 -62.37 -3.49 -19.75
CA TRP C 148 -62.00 -2.15 -19.30
C TRP C 148 -61.07 -2.16 -18.10
N VAL C 149 -60.62 -3.34 -17.66
CA VAL C 149 -59.70 -3.42 -16.52
C VAL C 149 -58.29 -3.08 -17.01
N LYS C 150 -57.79 -1.92 -16.59
CA LYS C 150 -56.49 -1.47 -17.06
C LYS C 150 -55.37 -2.25 -16.39
N MET C 151 -54.16 -2.10 -16.93
CA MET C 151 -53.01 -2.88 -16.49
C MET C 151 -52.30 -2.19 -15.33
N THR C 152 -52.63 -2.60 -14.11
CA THR C 152 -51.97 -2.17 -12.90
C THR C 152 -51.59 -3.40 -12.09
N PRO C 153 -50.51 -3.32 -11.30
CA PRO C 153 -50.11 -4.48 -10.49
C PRO C 153 -51.03 -4.78 -9.32
N GLU C 154 -52.09 -4.00 -9.12
CA GLU C 154 -52.95 -4.16 -7.95
C GLU C 154 -54.33 -4.70 -8.28
N ASN C 155 -54.57 -5.14 -9.52
CA ASN C 155 -55.82 -5.80 -9.87
C ASN C 155 -55.71 -7.31 -9.84
N GLY C 156 -54.62 -7.85 -9.32
CA GLY C 156 -54.34 -9.26 -9.33
C GLY C 156 -53.40 -9.71 -10.43
N TYR C 157 -53.01 -8.80 -11.32
CA TYR C 157 -52.13 -9.11 -12.44
C TYR C 157 -50.72 -8.60 -12.13
N TRP C 158 -49.74 -9.47 -12.25
CA TRP C 158 -48.33 -9.10 -12.22
C TRP C 158 -47.74 -9.55 -13.55
N THR C 159 -47.59 -8.61 -14.48
CA THR C 159 -47.25 -8.91 -15.87
C THR C 159 -46.36 -7.81 -16.44
N MET C 160 -45.64 -8.16 -17.50
CA MET C 160 -44.86 -7.19 -18.26
C MET C 160 -44.83 -7.67 -19.71
N GLY C 161 -44.71 -6.75 -20.65
CA GLY C 161 -44.75 -7.15 -22.05
C GLY C 161 -43.64 -6.49 -22.85
N LEU C 162 -43.20 -7.21 -23.87
CA LEU C 162 -42.29 -6.68 -24.87
C LEU C 162 -43.07 -6.37 -26.15
N THR C 163 -42.87 -5.17 -26.67
CA THR C 163 -43.55 -4.70 -27.86
C THR C 163 -42.54 -4.12 -28.84
N ASP C 164 -42.71 -4.47 -30.12
CA ASP C 164 -41.88 -4.00 -31.23
C ASP C 164 -40.46 -4.57 -31.13
N GLY C 165 -40.16 -5.27 -30.05
CA GLY C 165 -38.84 -5.78 -29.82
C GLY C 165 -37.92 -4.70 -29.27
N ASN C 166 -38.49 -3.53 -28.97
CA ASN C 166 -37.69 -2.42 -28.48
C ASN C 166 -38.31 -1.66 -27.31
N LYS C 167 -39.51 -2.03 -26.85
CA LYS C 167 -39.93 -1.60 -25.52
C LYS C 167 -40.29 -2.83 -24.69
N TYR C 168 -39.42 -3.11 -23.72
CA TYR C 168 -39.61 -4.21 -22.78
C TYR C 168 -40.16 -3.62 -21.49
N ARG C 169 -41.45 -3.29 -21.50
CA ARG C 169 -42.03 -2.41 -20.50
C ARG C 169 -43.03 -3.16 -19.63
N ALA C 170 -43.06 -2.78 -18.35
CA ALA C 170 -43.97 -3.40 -17.40
C ALA C 170 -45.37 -2.82 -17.54
N LEU C 171 -46.37 -3.62 -17.20
CA LEU C 171 -47.78 -3.24 -17.36
C LEU C 171 -48.27 -2.54 -16.08
N THR C 172 -47.66 -1.42 -15.79
CA THR C 172 -48.03 -0.60 -14.63
C THR C 172 -48.40 0.80 -15.07
N GLU C 173 -48.64 1.66 -14.10
CA GLU C 173 -48.95 3.07 -14.36
C GLU C 173 -47.86 3.96 -13.79
N PRO C 174 -47.20 4.77 -14.62
CA PRO C 174 -47.29 4.96 -15.97
C PRO C 174 -46.68 3.85 -16.82
N ARG C 175 -46.51 4.08 -18.13
CA ARG C 175 -45.96 3.05 -18.98
C ARG C 175 -44.46 2.93 -18.72
N THR C 176 -44.08 2.15 -17.72
CA THR C 176 -42.69 2.05 -17.28
C THR C 176 -41.88 1.30 -18.32
N ASN C 177 -41.07 2.02 -19.08
CA ASN C 177 -40.20 1.40 -20.07
C ASN C 177 -38.83 1.14 -19.48
N LEU C 178 -38.32 -0.06 -19.69
CA LEU C 178 -37.03 -0.45 -19.16
C LEU C 178 -36.06 -0.69 -20.32
N LYS C 179 -34.87 -0.14 -20.18
CA LYS C 179 -33.84 -0.19 -21.22
C LYS C 179 -33.03 -1.46 -21.06
N LEU C 180 -32.78 -2.15 -22.17
CA LEU C 180 -32.01 -3.39 -22.19
C LEU C 180 -31.25 -3.47 -23.50
N PRO C 181 -29.93 -3.30 -23.48
CA PRO C 181 -29.16 -3.26 -24.74
C PRO C 181 -29.21 -4.55 -25.54
N GLU C 182 -29.29 -5.70 -24.89
CA GLU C 182 -29.17 -6.98 -25.59
C GLU C 182 -30.53 -7.66 -25.65
N PRO C 183 -31.04 -7.97 -26.84
CA PRO C 183 -32.37 -8.57 -26.95
C PRO C 183 -32.34 -10.03 -26.58
N PRO C 184 -32.90 -10.42 -25.44
CA PRO C 184 -32.75 -11.79 -24.96
C PRO C 184 -33.59 -12.77 -25.77
N ARG C 185 -33.27 -14.04 -25.62
CA ARG C 185 -34.00 -15.11 -26.28
C ARG C 185 -34.59 -16.12 -25.30
N LYS C 186 -34.45 -15.88 -24.00
CA LYS C 186 -35.04 -16.74 -22.98
C LYS C 186 -35.10 -15.95 -21.68
N VAL C 187 -36.28 -15.84 -21.10
CA VAL C 187 -36.50 -15.01 -19.92
C VAL C 187 -37.07 -15.88 -18.80
N GLY C 188 -36.61 -15.63 -17.57
CA GLY C 188 -37.07 -16.37 -16.42
C GLY C 188 -37.96 -15.52 -15.53
N ILE C 189 -38.99 -16.15 -14.99
CA ILE C 189 -39.94 -15.51 -14.08
C ILE C 189 -39.80 -16.21 -12.74
N PHE C 190 -39.66 -15.43 -11.67
CA PHE C 190 -39.48 -15.95 -10.32
C PHE C 190 -40.60 -15.43 -9.43
N LEU C 191 -41.25 -16.35 -8.72
CA LEU C 191 -42.41 -16.04 -7.87
C LEU C 191 -42.10 -16.47 -6.44
N ASP C 192 -42.38 -15.57 -5.49
CA ASP C 192 -42.18 -15.82 -4.07
C ASP C 192 -43.50 -15.41 -3.41
N TYR C 193 -44.32 -16.40 -3.05
CA TYR C 193 -45.65 -16.09 -2.52
C TYR C 193 -45.59 -15.60 -1.09
N GLU C 194 -44.65 -16.13 -0.30
CA GLU C 194 -44.61 -15.78 1.12
C GLU C 194 -44.32 -14.30 1.33
N THR C 195 -43.38 -13.75 0.56
CA THR C 195 -43.05 -12.34 0.64
C THR C 195 -43.68 -11.52 -0.48
N GLY C 196 -44.45 -12.16 -1.36
CA GLY C 196 -45.13 -11.44 -2.42
C GLY C 196 -44.21 -10.75 -3.40
N GLU C 197 -43.18 -11.45 -3.86
CA GLU C 197 -42.18 -10.86 -4.74
C GLU C 197 -42.21 -11.53 -6.11
N ILE C 198 -42.10 -10.69 -7.15
CA ILE C 198 -42.02 -11.15 -8.53
C ILE C 198 -40.72 -10.61 -9.12
N SER C 199 -39.89 -11.50 -9.65
CA SER C 199 -38.61 -11.13 -10.25
C SER C 199 -38.63 -11.52 -11.72
N PHE C 200 -38.14 -10.63 -12.58
CA PHE C 200 -38.15 -10.84 -14.01
C PHE C 200 -36.69 -10.78 -14.47
N TYR C 201 -36.13 -11.92 -14.86
CA TYR C 201 -34.70 -12.06 -15.12
C TYR C 201 -34.49 -12.52 -16.55
N ASN C 202 -33.27 -12.31 -17.03
CA ASN C 202 -32.88 -12.77 -18.36
C ASN C 202 -32.07 -14.06 -18.23
N ALA C 203 -32.51 -15.12 -18.89
CA ALA C 203 -31.90 -16.44 -18.74
C ALA C 203 -30.75 -16.66 -19.72
N THR C 204 -30.15 -15.59 -20.22
CA THR C 204 -28.99 -15.70 -21.09
C THR C 204 -27.68 -15.52 -20.34
N ASP C 205 -27.58 -14.46 -19.53
CA ASP C 205 -26.34 -14.20 -18.78
C ASP C 205 -26.60 -13.78 -17.33
N GLY C 206 -27.81 -13.99 -16.82
CA GLY C 206 -28.16 -13.59 -15.48
C GLY C 206 -28.24 -12.09 -15.29
N SER C 207 -28.79 -11.40 -16.29
CA SER C 207 -28.99 -9.95 -16.22
C SER C 207 -30.32 -9.65 -15.56
N HIS C 208 -30.29 -8.76 -14.58
CA HIS C 208 -31.52 -8.32 -13.92
C HIS C 208 -32.33 -7.52 -14.93
N ILE C 209 -33.64 -7.73 -14.93
CA ILE C 209 -34.51 -6.96 -15.80
C ILE C 209 -35.47 -6.12 -14.97
N TYR C 210 -36.26 -6.77 -14.10
CA TYR C 210 -37.31 -6.01 -13.42
C TYR C 210 -37.64 -6.64 -12.07
N THR C 211 -37.93 -5.78 -11.09
CA THR C 211 -38.43 -6.21 -9.78
C THR C 211 -39.72 -5.45 -9.47
N PHE C 212 -40.78 -6.19 -9.19
CA PHE C 212 -42.05 -5.57 -8.87
C PHE C 212 -42.01 -4.93 -7.48
N PRO C 213 -42.85 -3.94 -7.23
CA PRO C 213 -42.95 -3.37 -5.88
C PRO C 213 -43.47 -4.39 -4.88
N HIS C 214 -43.10 -4.18 -3.61
CA HIS C 214 -43.41 -5.12 -2.54
C HIS C 214 -44.89 -5.01 -2.18
N ALA C 215 -45.71 -5.76 -2.90
CA ALA C 215 -47.14 -5.88 -2.63
C ALA C 215 -47.42 -7.31 -2.20
N SER C 216 -48.02 -7.46 -1.03
CA SER C 216 -48.28 -8.80 -0.49
C SER C 216 -49.42 -9.47 -1.25
N PHE C 217 -49.28 -10.78 -1.46
CA PHE C 217 -50.31 -11.55 -2.13
C PHE C 217 -51.45 -11.87 -1.16
N SER C 218 -52.59 -12.26 -1.73
CA SER C 218 -53.75 -12.66 -0.96
C SER C 218 -54.45 -13.89 -1.53
N GLU C 219 -53.98 -14.42 -2.65
CA GLU C 219 -54.65 -15.52 -3.31
C GLU C 219 -53.65 -16.23 -4.21
N PRO C 220 -53.77 -17.55 -4.38
CA PRO C 220 -52.91 -18.25 -5.34
C PRO C 220 -53.08 -17.71 -6.74
N LEU C 221 -51.99 -17.72 -7.50
CA LEU C 221 -51.97 -17.17 -8.85
C LEU C 221 -51.94 -18.28 -9.89
N TYR C 222 -52.03 -17.88 -11.17
CA TYR C 222 -52.01 -18.75 -12.32
C TYR C 222 -51.20 -18.10 -13.43
N PRO C 223 -50.50 -18.88 -14.25
CA PRO C 223 -49.66 -18.30 -15.30
C PRO C 223 -50.51 -17.62 -16.37
N VAL C 224 -49.99 -16.52 -16.91
CA VAL C 224 -50.68 -15.74 -17.93
C VAL C 224 -49.71 -15.47 -19.07
N PHE C 225 -50.12 -15.85 -20.29
CA PHE C 225 -49.37 -15.63 -21.53
C PHE C 225 -50.31 -14.88 -22.47
N ARG C 226 -49.89 -13.73 -22.95
CA ARG C 226 -50.76 -12.92 -23.81
C ARG C 226 -50.05 -12.62 -25.14
N ILE C 227 -50.73 -12.93 -26.23
CA ILE C 227 -50.25 -12.66 -27.59
C ILE C 227 -51.31 -11.86 -28.29
N LEU C 228 -50.95 -10.67 -28.77
CA LEU C 228 -51.88 -9.84 -29.53
C LEU C 228 -51.50 -9.72 -31.00
N THR C 229 -50.28 -10.08 -31.37
CA THR C 229 -49.81 -9.99 -32.75
C THR C 229 -49.43 -11.38 -33.25
N LEU C 230 -49.89 -11.70 -34.46
CA LEU C 230 -49.58 -12.98 -35.09
C LEU C 230 -48.19 -12.91 -35.71
N GLU C 231 -47.26 -13.69 -35.17
CA GLU C 231 -45.89 -13.73 -35.63
C GLU C 231 -45.41 -15.18 -35.70
N PRO C 232 -44.61 -15.52 -36.70
CA PRO C 232 -44.14 -16.92 -36.83
C PRO C 232 -43.37 -17.41 -35.61
N THR C 233 -42.60 -16.53 -34.96
CA THR C 233 -41.89 -16.91 -33.75
C THR C 233 -42.89 -17.21 -32.64
N ALA C 234 -42.65 -18.28 -31.89
CA ALA C 234 -43.58 -18.70 -30.85
C ALA C 234 -42.91 -18.67 -29.48
N LEU C 235 -43.64 -19.18 -28.48
CA LEU C 235 -43.14 -19.23 -27.11
C LEU C 235 -43.09 -20.69 -26.66
N THR C 236 -41.96 -21.05 -26.06
CA THR C 236 -41.79 -22.40 -25.52
C THR C 236 -41.31 -22.31 -24.08
N ILE C 237 -41.81 -23.22 -23.24
CA ILE C 237 -41.63 -23.16 -21.79
C ILE C 237 -40.60 -24.21 -21.39
N CYS C 238 -39.67 -23.82 -20.54
CA CYS C 238 -38.69 -24.72 -19.96
C CYS C 238 -38.52 -24.43 -18.46
N LYS D 1 21.34 -39.48 64.34
CA LYS D 1 22.15 -38.43 63.75
C LYS D 1 21.75 -38.13 62.31
N GLU D 2 20.78 -38.89 61.80
CA GLU D 2 20.31 -38.68 60.43
C GLU D 2 19.73 -37.29 60.26
N LYS D 3 18.91 -36.85 61.22
CA LYS D 3 18.32 -35.51 61.14
C LYS D 3 19.40 -34.44 61.17
N LYS D 4 20.37 -34.57 62.07
CA LYS D 4 21.42 -33.56 62.19
C LYS D 4 22.29 -33.50 60.93
N ILE D 5 22.71 -34.66 60.42
CA ILE D 5 23.57 -34.65 59.24
C ILE D 5 22.80 -34.17 58.01
N LEU D 6 21.52 -34.52 57.91
CA LEU D 6 20.74 -34.09 56.75
C LEU D 6 20.37 -32.62 56.85
N SER D 7 20.36 -32.07 58.06
CA SER D 7 20.19 -30.63 58.24
C SER D 7 21.50 -29.87 58.13
N GLY D 8 22.63 -30.57 58.12
CA GLY D 8 23.92 -29.89 58.00
C GLY D 8 24.15 -29.18 56.68
N GLU D 9 23.38 -29.49 55.64
CA GLU D 9 23.60 -28.92 54.32
C GLU D 9 22.70 -27.72 54.02
N LYS D 10 21.90 -27.27 54.99
CA LYS D 10 21.11 -26.07 54.78
C LYS D 10 22.01 -24.86 54.56
N GLU D 11 23.14 -24.80 55.25
CA GLU D 11 24.10 -23.73 55.02
C GLU D 11 24.64 -23.77 53.59
N PHE D 12 24.92 -24.97 53.06
CA PHE D 12 25.37 -25.08 51.68
C PHE D 12 24.30 -24.60 50.72
N GLU D 13 23.05 -24.97 50.97
CA GLU D 13 21.96 -24.51 50.10
C GLU D 13 21.82 -22.99 50.16
N ARG D 14 21.95 -22.42 51.35
CA ARG D 14 21.92 -20.96 51.48
C ARG D 14 23.06 -20.32 50.71
N GLU D 15 24.25 -20.91 50.79
CA GLU D 15 25.39 -20.37 50.05
C GLU D 15 25.15 -20.41 48.55
N THR D 16 24.58 -21.51 48.05
CA THR D 16 24.27 -21.59 46.63
C THR D 16 23.26 -20.53 46.20
N ARG D 17 22.20 -20.37 47.00
CA ARG D 17 21.26 -19.28 46.76
C ARG D 17 21.98 -17.93 46.71
N GLU D 18 22.89 -17.71 47.65
CA GLU D 18 23.59 -16.44 47.74
C GLU D 18 24.41 -16.16 46.49
N ILE D 19 25.23 -17.14 46.06
CA ILE D 19 26.08 -16.90 44.91
C ILE D 19 25.24 -16.69 43.66
N ALA D 20 24.14 -17.44 43.52
CA ALA D 20 23.25 -17.23 42.39
C ALA D 20 22.71 -15.80 42.38
N LEU D 21 22.29 -15.31 43.55
CA LEU D 21 21.72 -13.97 43.61
C LEU D 21 22.73 -12.89 43.24
N LYS D 22 23.94 -12.97 43.79
CA LYS D 22 24.94 -11.98 43.40
C LYS D 22 25.31 -12.08 41.92
N GLU D 23 25.40 -13.30 41.38
CA GLU D 23 25.66 -13.42 39.95
C GLU D 23 24.60 -12.71 39.15
N LEU D 24 23.33 -12.87 39.54
CA LEU D 24 22.25 -12.13 38.88
C LEU D 24 22.48 -10.63 38.99
N GLU D 25 22.97 -10.17 40.14
CA GLU D 25 23.16 -8.72 40.34
C GLU D 25 24.22 -8.14 39.39
N LYS D 26 25.41 -8.75 39.34
CA LYS D 26 26.39 -8.20 38.40
C LYS D 26 25.94 -8.38 36.96
N GLU D 27 25.20 -9.45 36.66
CA GLU D 27 24.67 -9.55 35.30
C GLU D 27 23.79 -8.36 34.96
N ARG D 28 22.90 -7.98 35.90
CA ARG D 28 22.02 -6.84 35.67
C ARG D 28 22.82 -5.58 35.39
N VAL D 29 23.78 -5.26 36.27
CA VAL D 29 24.49 -3.99 36.11
C VAL D 29 25.31 -3.97 34.81
N GLN D 30 25.97 -5.10 34.48
CA GLN D 30 26.77 -5.16 33.27
C GLN D 30 25.92 -4.95 32.03
N LYS D 31 24.78 -5.64 31.95
CA LYS D 31 23.94 -5.48 30.76
C LYS D 31 23.37 -4.07 30.66
N GLU D 32 23.08 -3.44 31.80
CA GLU D 32 22.60 -2.06 31.74
C GLU D 32 23.64 -1.14 31.12
N GLU D 33 24.90 -1.27 31.54
CA GLU D 33 25.94 -0.40 30.98
C GLU D 33 26.11 -0.64 29.48
N GLU D 34 26.11 -1.92 29.07
CA GLU D 34 26.25 -2.22 27.65
C GLU D 34 25.08 -1.65 26.84
N LEU D 35 23.88 -1.69 27.41
CA LEU D 35 22.72 -1.12 26.73
C LEU D 35 22.89 0.38 26.54
N GLN D 36 23.42 1.07 27.54
CA GLN D 36 23.65 2.51 27.40
C GLN D 36 24.60 2.82 26.24
N VAL D 37 25.72 2.08 26.17
CA VAL D 37 26.66 2.36 25.08
C VAL D 37 26.04 2.05 23.72
N LYS D 38 25.24 0.97 23.64
CA LYS D 38 24.58 0.65 22.38
C LYS D 38 23.59 1.74 21.98
N GLU D 39 22.88 2.31 22.96
CA GLU D 39 21.93 3.38 22.65
C GLU D 39 22.66 4.59 22.07
N LYS D 40 23.82 4.93 22.63
CA LYS D 40 24.59 6.04 22.06
C LYS D 40 24.98 5.76 20.61
N LEU D 41 25.45 4.54 20.34
CA LEU D 41 25.81 4.19 18.96
C LEU D 41 24.61 4.30 18.02
N GLN D 42 23.44 3.83 18.47
CA GLN D 42 22.24 3.89 17.64
C GLN D 42 21.84 5.33 17.34
N GLU D 43 21.98 6.21 18.33
CA GLU D 43 21.68 7.62 18.09
C GLU D 43 22.59 8.22 17.02
N GLU D 44 23.89 7.90 17.10
CA GLU D 44 24.80 8.42 16.08
C GLU D 44 24.42 7.91 14.69
N LEU D 45 24.10 6.62 14.58
CA LEU D 45 23.68 6.08 13.28
C LEU D 45 22.41 6.75 12.77
N ARG D 46 21.44 6.99 13.65
CA ARG D 46 20.20 7.62 13.22
C ARG D 46 20.46 9.03 12.69
N TRP D 47 21.39 9.75 13.32
CA TRP D 47 21.74 11.06 12.78
C TRP D 47 22.41 10.94 11.41
N ARG D 48 23.31 9.96 11.26
CA ARG D 48 24.17 9.90 10.09
C ARG D 48 23.57 9.13 8.91
N ARG D 49 22.36 8.58 9.06
CA ARG D 49 21.80 7.70 8.03
C ARG D 49 21.11 8.44 6.89
N THR D 50 20.91 9.76 6.98
CA THR D 50 20.11 10.49 6.01
C THR D 50 20.96 11.32 5.05
N PHE D 51 22.16 10.86 4.73
CA PHE D 51 23.08 11.60 3.89
C PHE D 51 23.18 10.96 2.50
N LEU D 52 23.55 11.76 1.51
CA LEU D 52 23.81 11.30 0.15
C LEU D 52 25.32 11.21 -0.04
N HIS D 53 25.77 10.14 -0.68
CA HIS D 53 27.21 9.88 -0.84
C HIS D 53 27.56 9.96 -2.31
N ALA D 54 28.71 10.57 -2.60
CA ALA D 54 29.26 10.59 -3.96
C ALA D 54 30.42 9.60 -4.04
N VAL D 55 30.31 8.61 -4.92
CA VAL D 55 31.30 7.55 -4.94
C VAL D 55 32.22 7.70 -6.15
N ASP D 56 33.34 6.97 -6.11
CA ASP D 56 34.24 6.87 -7.23
C ASP D 56 34.46 5.39 -7.54
N VAL D 57 34.23 4.98 -8.79
CA VAL D 57 34.25 3.57 -9.12
C VAL D 57 35.49 3.22 -9.93
N VAL D 58 36.13 2.11 -9.58
CA VAL D 58 37.28 1.58 -10.30
C VAL D 58 36.90 0.20 -10.81
N LEU D 59 37.13 -0.02 -12.09
CA LEU D 59 36.63 -1.22 -12.73
C LEU D 59 37.42 -2.46 -12.32
N ASP D 60 36.76 -3.61 -12.39
CA ASP D 60 37.28 -4.91 -11.97
C ASP D 60 37.70 -5.74 -13.17
N PRO D 61 39.00 -5.94 -13.38
CA PRO D 61 39.48 -6.67 -14.57
C PRO D 61 39.31 -8.19 -14.50
N ASP D 62 38.59 -8.71 -13.51
CA ASP D 62 38.30 -10.13 -13.42
C ASP D 62 37.02 -10.50 -14.15
N THR D 63 36.04 -9.59 -14.20
CA THR D 63 34.78 -9.82 -14.86
C THR D 63 34.73 -9.26 -16.28
N ALA D 64 35.82 -8.67 -16.75
CA ALA D 64 35.81 -8.03 -18.05
C ALA D 64 35.81 -9.07 -19.17
N HIS D 65 35.05 -8.77 -20.22
CA HIS D 65 35.03 -9.64 -21.39
C HIS D 65 36.41 -9.69 -22.03
N PRO D 66 36.82 -10.84 -22.58
CA PRO D 66 38.16 -10.96 -23.15
C PRO D 66 38.49 -9.96 -24.26
N ASP D 67 37.50 -9.28 -24.83
CA ASP D 67 37.73 -8.33 -25.91
C ASP D 67 37.54 -6.88 -25.48
N LEU D 68 37.91 -6.53 -24.25
CA LEU D 68 37.79 -5.17 -23.76
C LEU D 68 39.15 -4.68 -23.25
N PHE D 69 39.46 -3.42 -23.57
CA PHE D 69 40.75 -2.81 -23.25
C PHE D 69 40.51 -1.72 -22.21
N LEU D 70 41.13 -1.88 -21.04
CA LEU D 70 41.01 -0.94 -19.95
C LEU D 70 42.27 -0.09 -19.82
N SER D 71 42.09 1.17 -19.49
CA SER D 71 43.21 2.06 -19.25
C SER D 71 43.91 1.69 -17.94
N GLU D 72 45.14 2.18 -17.79
CA GLU D 72 45.93 1.80 -16.62
C GLU D 72 45.31 2.32 -15.33
N ASP D 73 44.55 3.40 -15.40
CA ASP D 73 43.85 3.91 -14.22
C ASP D 73 42.54 3.19 -13.95
N ARG D 74 42.15 2.26 -14.83
CA ARG D 74 40.89 1.52 -14.71
C ARG D 74 39.68 2.45 -14.58
N ARG D 75 39.66 3.51 -15.39
CA ARG D 75 38.53 4.43 -15.42
C ARG D 75 38.00 4.66 -16.82
N SER D 76 38.48 3.88 -17.80
CA SER D 76 37.98 3.96 -19.16
C SER D 76 38.14 2.62 -19.88
N VAL D 77 37.24 2.31 -20.80
CA VAL D 77 37.29 1.05 -21.55
C VAL D 77 37.03 1.33 -23.03
N ARG D 78 37.47 0.39 -23.86
CA ARG D 78 37.15 0.41 -25.28
C ARG D 78 37.02 -1.03 -25.78
N ARG D 79 36.27 -1.20 -26.87
CA ARG D 79 36.10 -2.51 -27.48
C ARG D 79 37.06 -2.63 -28.64
N CYS D 80 37.99 -3.58 -28.56
CA CYS D 80 39.09 -3.61 -29.51
C CYS D 80 38.87 -4.69 -30.57
N PRO D 81 39.43 -4.54 -31.77
CA PRO D 81 39.16 -5.51 -32.85
C PRO D 81 40.02 -6.76 -32.75
N PHE D 82 39.53 -7.76 -32.02
CA PHE D 82 40.20 -9.06 -31.84
C PHE D 82 41.69 -8.87 -31.51
N ARG D 83 41.92 -8.24 -30.36
CA ARG D 83 43.25 -7.99 -29.84
C ARG D 83 43.95 -9.25 -29.33
N HIS D 84 43.31 -10.41 -29.45
CA HIS D 84 43.81 -11.65 -28.84
C HIS D 84 44.76 -12.40 -29.76
N LEU D 85 45.46 -11.70 -30.65
CA LEU D 85 46.47 -12.34 -31.48
C LEU D 85 47.71 -12.62 -30.64
N GLY D 86 47.66 -13.67 -29.82
CA GLY D 86 48.74 -14.01 -28.93
C GLY D 86 48.50 -13.72 -27.47
N GLU D 87 47.28 -13.36 -27.08
CA GLU D 87 46.94 -13.05 -25.69
C GLU D 87 45.92 -14.08 -25.21
N SER D 88 46.16 -14.62 -24.02
CA SER D 88 45.26 -15.59 -23.41
C SER D 88 44.70 -15.02 -22.12
N VAL D 89 43.39 -15.12 -21.94
CA VAL D 89 42.69 -14.68 -20.74
C VAL D 89 41.91 -15.86 -20.19
N PRO D 90 42.26 -16.40 -19.02
CA PRO D 90 41.62 -17.63 -18.55
C PRO D 90 40.17 -17.39 -18.17
N ASP D 91 39.37 -18.45 -18.27
CA ASP D 91 37.94 -18.39 -18.04
C ASP D 91 37.63 -18.82 -16.60
N ASN D 92 37.75 -17.87 -15.67
CA ASN D 92 37.25 -18.09 -14.33
C ASN D 92 35.73 -17.92 -14.31
N PRO D 93 35.06 -18.45 -13.27
CA PRO D 93 33.59 -18.42 -13.25
C PRO D 93 32.98 -17.02 -13.25
N GLU D 94 33.75 -15.99 -12.91
CA GLU D 94 33.20 -14.64 -12.78
C GLU D 94 33.40 -13.81 -14.05
N ARG D 95 33.86 -14.40 -15.14
CA ARG D 95 34.16 -13.66 -16.36
C ARG D 95 33.06 -13.86 -17.39
N PHE D 96 32.59 -12.76 -17.98
CA PHE D 96 31.62 -12.83 -19.05
C PHE D 96 32.25 -13.46 -20.29
N ASP D 97 31.48 -14.29 -20.99
CA ASP D 97 31.99 -14.96 -22.17
C ASP D 97 31.32 -14.47 -23.46
N SER D 98 30.00 -14.31 -23.47
CA SER D 98 29.29 -13.93 -24.68
C SER D 98 28.82 -12.48 -24.69
N GLN D 99 28.97 -11.76 -23.58
CA GLN D 99 28.48 -10.39 -23.54
C GLN D 99 29.61 -9.42 -23.21
N PRO D 100 29.74 -8.33 -23.97
CA PRO D 100 30.76 -7.31 -23.66
C PRO D 100 30.34 -6.38 -22.51
N CYS D 101 30.54 -6.82 -21.28
CA CYS D 101 30.13 -6.06 -20.10
C CYS D 101 31.24 -6.00 -19.07
N VAL D 102 31.22 -4.93 -18.27
CA VAL D 102 32.14 -4.74 -17.16
C VAL D 102 31.33 -4.40 -15.91
N LEU D 103 31.87 -4.79 -14.75
CA LEU D 103 31.26 -4.55 -13.46
C LEU D 103 32.16 -3.67 -12.61
N GLY D 104 31.57 -3.02 -11.62
CA GLY D 104 32.32 -2.26 -10.65
C GLY D 104 32.90 -3.16 -9.57
N ARG D 105 33.63 -2.54 -8.64
CA ARG D 105 34.29 -3.29 -7.58
C ARG D 105 33.64 -3.15 -6.22
N GLU D 106 32.77 -2.16 -6.02
CA GLU D 106 32.17 -1.97 -4.70
C GLU D 106 30.78 -2.58 -4.67
N SER D 107 30.41 -3.12 -3.51
CA SER D 107 29.09 -3.70 -3.32
C SER D 107 28.36 -2.86 -2.27
N PHE D 108 27.17 -2.38 -2.62
CA PHE D 108 26.37 -1.60 -1.69
C PHE D 108 25.25 -2.45 -1.11
N ALA D 109 24.90 -2.16 0.15
CA ALA D 109 23.78 -2.81 0.81
C ALA D 109 22.91 -1.87 1.62
N SER D 110 23.22 -0.57 1.67
CA SER D 110 22.39 0.38 2.39
C SER D 110 22.67 1.78 1.88
N GLY D 111 21.74 2.69 2.15
CA GLY D 111 21.95 4.11 1.90
C GLY D 111 21.72 4.56 0.47
N LYS D 112 22.04 5.82 0.21
CA LYS D 112 21.84 6.42 -1.11
C LYS D 112 23.17 6.83 -1.72
N HIS D 113 23.35 6.46 -2.99
CA HIS D 113 24.61 6.75 -3.68
C HIS D 113 24.28 7.27 -5.08
N TYR D 114 25.27 7.87 -5.72
CA TYR D 114 25.11 8.31 -7.10
C TYR D 114 26.49 8.52 -7.73
N TRP D 115 26.54 8.35 -9.05
CA TRP D 115 27.79 8.55 -9.79
C TRP D 115 27.48 9.01 -11.21
N GLU D 116 28.51 9.47 -11.91
CA GLU D 116 28.37 10.11 -13.20
C GLU D 116 29.23 9.42 -14.25
N VAL D 117 28.73 9.40 -15.49
CA VAL D 117 29.42 8.79 -16.63
C VAL D 117 29.34 9.75 -17.82
N GLU D 118 30.40 9.79 -18.62
CA GLU D 118 30.47 10.61 -19.83
C GLU D 118 30.36 9.70 -21.06
N VAL D 119 29.35 9.97 -21.89
CA VAL D 119 29.05 9.10 -23.02
C VAL D 119 29.09 9.88 -24.33
N GLU D 120 29.94 10.91 -24.38
CA GLU D 120 30.03 11.73 -25.58
C GLU D 120 30.77 10.99 -26.69
N ASN D 121 30.28 11.16 -27.93
CA ASN D 121 30.89 10.56 -29.13
C ASN D 121 30.87 9.04 -29.07
N VAL D 122 29.77 8.48 -28.56
CA VAL D 122 29.56 7.03 -28.52
C VAL D 122 28.24 6.74 -29.22
N ILE D 123 28.08 5.51 -29.72
CA ILE D 123 26.91 5.15 -30.52
C ILE D 123 25.95 4.22 -29.78
N GLU D 124 26.43 3.08 -29.27
CA GLU D 124 25.58 2.19 -28.48
C GLU D 124 26.27 1.89 -27.15
N TRP D 125 25.53 2.11 -26.06
CA TRP D 125 26.05 1.89 -24.71
C TRP D 125 24.89 1.54 -23.79
N THR D 126 25.23 0.95 -22.64
CA THR D 126 24.25 0.55 -21.64
C THR D 126 24.85 0.79 -20.26
N VAL D 127 24.10 1.47 -19.38
CA VAL D 127 24.58 1.83 -18.05
C VAL D 127 23.49 1.51 -17.03
N GLY D 128 23.87 0.88 -15.93
CA GLY D 128 22.90 0.61 -14.89
C GLY D 128 23.49 -0.14 -13.71
N VAL D 129 22.62 -0.87 -13.03
CA VAL D 129 22.97 -1.63 -11.83
C VAL D 129 22.58 -3.09 -12.03
N CYS D 130 23.28 -3.98 -11.33
CA CYS D 130 22.97 -5.41 -11.43
C CYS D 130 23.28 -6.10 -10.11
N ARG D 131 22.56 -7.18 -9.85
CA ARG D 131 22.85 -8.02 -8.70
C ARG D 131 24.18 -8.74 -8.90
N ASP D 132 24.87 -9.00 -7.79
CA ASP D 132 26.12 -9.74 -7.85
C ASP D 132 25.93 -11.19 -8.23
N SER D 133 24.76 -11.77 -7.94
CA SER D 133 24.47 -13.15 -8.31
C SER D 133 23.66 -13.19 -9.61
N VAL D 134 24.35 -12.94 -10.71
CA VAL D 134 23.78 -13.01 -12.04
C VAL D 134 24.61 -13.99 -12.87
N GLU D 135 23.93 -14.74 -13.73
CA GLU D 135 24.62 -15.67 -14.61
C GLU D 135 25.51 -14.93 -15.59
N ARG D 136 26.75 -15.40 -15.74
CA ARG D 136 27.72 -14.68 -16.55
C ARG D 136 28.27 -15.53 -17.70
N LYS D 137 27.97 -16.83 -17.74
CA LYS D 137 28.43 -17.68 -18.83
C LYS D 137 27.24 -17.98 -19.73
N GLY D 138 27.38 -17.70 -21.02
CA GLY D 138 26.30 -17.87 -21.96
C GLY D 138 25.48 -16.61 -22.10
N GLU D 139 24.73 -16.56 -23.20
CA GLU D 139 23.91 -15.40 -23.55
C GLU D 139 22.79 -15.25 -22.54
N VAL D 140 22.61 -14.02 -22.04
CA VAL D 140 21.59 -13.73 -21.05
C VAL D 140 20.78 -12.53 -21.51
N LEU D 141 19.62 -12.33 -20.92
CA LEU D 141 18.76 -11.20 -21.25
C LEU D 141 18.77 -10.21 -20.09
N LEU D 142 19.11 -8.95 -20.40
CA LEU D 142 19.25 -7.91 -19.38
C LEU D 142 17.87 -7.39 -19.01
N ILE D 143 17.18 -8.16 -18.18
CA ILE D 143 15.80 -7.89 -17.78
C ILE D 143 15.74 -7.84 -16.26
N PRO D 144 14.90 -6.97 -15.71
CA PRO D 144 14.82 -6.87 -14.23
C PRO D 144 14.43 -8.17 -13.56
N GLN D 145 13.79 -9.09 -14.28
CA GLN D 145 13.53 -10.42 -13.73
C GLN D 145 14.80 -11.23 -13.55
N ASN D 146 15.88 -10.88 -14.25
CA ASN D 146 17.18 -11.49 -14.02
C ASN D 146 18.08 -10.68 -13.10
N GLY D 147 17.79 -9.39 -12.91
CA GLY D 147 18.55 -8.58 -11.96
C GLY D 147 19.23 -7.37 -12.55
N PHE D 148 18.90 -7.01 -13.79
CA PHE D 148 19.55 -5.89 -14.49
C PHE D 148 18.57 -4.71 -14.52
N TRP D 149 19.07 -3.53 -14.13
CA TRP D 149 18.32 -2.28 -14.27
C TRP D 149 19.19 -1.30 -15.05
N THR D 150 18.90 -1.15 -16.34
CA THR D 150 19.80 -0.45 -17.24
C THR D 150 19.06 0.58 -18.09
N LEU D 151 19.85 1.48 -18.68
CA LEU D 151 19.38 2.42 -19.70
C LEU D 151 20.36 2.35 -20.87
N GLU D 152 19.83 2.38 -22.09
CA GLU D 152 20.62 2.09 -23.28
C GLU D 152 20.31 3.06 -24.40
N MET D 153 21.26 3.20 -25.33
CA MET D 153 21.02 3.88 -26.59
C MET D 153 21.12 2.89 -27.73
N HIS D 154 20.07 2.81 -28.54
CA HIS D 154 19.99 1.78 -29.57
C HIS D 154 19.43 2.39 -30.85
N LYS D 155 20.25 2.42 -31.90
CA LYS D 155 19.82 2.85 -33.23
C LYS D 155 19.22 4.26 -33.21
N GLY D 156 19.89 5.15 -32.48
CA GLY D 156 19.50 6.54 -32.44
C GLY D 156 18.34 6.88 -31.52
N GLN D 157 17.94 5.96 -30.65
CA GLN D 157 16.85 6.21 -29.71
C GLN D 157 17.26 5.77 -28.32
N TYR D 158 16.59 6.32 -27.31
CA TYR D 158 16.93 6.06 -25.91
C TYR D 158 15.95 5.03 -25.35
N ARG D 159 16.49 3.94 -24.81
CA ARG D 159 15.67 2.84 -24.34
C ARG D 159 15.71 2.73 -22.83
N ALA D 160 14.56 2.37 -22.27
CA ALA D 160 14.37 2.01 -20.88
C ALA D 160 14.84 0.58 -20.69
N VAL D 161 14.26 -0.15 -19.73
CA VAL D 161 14.67 -1.47 -19.28
C VAL D 161 14.82 -2.48 -20.42
N SER D 162 14.82 -1.99 -21.66
CA SER D 162 15.09 -2.73 -22.89
C SER D 162 13.85 -3.43 -23.42
N SER D 163 12.68 -3.00 -22.98
CA SER D 163 11.46 -3.32 -23.70
C SER D 163 11.33 -2.33 -24.85
N PRO D 164 11.14 -2.76 -26.09
CA PRO D 164 11.16 -1.82 -27.21
C PRO D 164 9.90 -1.00 -27.37
N ASP D 165 9.04 -1.00 -26.35
CA ASP D 165 7.76 -0.31 -26.42
C ASP D 165 7.67 0.93 -25.54
N ARG D 166 8.78 1.35 -24.91
CA ARG D 166 8.77 2.55 -24.06
C ARG D 166 9.98 3.42 -24.35
N ILE D 167 10.21 3.72 -25.64
CA ILE D 167 11.20 4.72 -26.01
C ILE D 167 10.89 6.04 -25.30
N LEU D 168 11.93 6.80 -25.00
CA LEU D 168 11.76 8.05 -24.27
C LEU D 168 11.89 9.24 -25.22
N PRO D 169 11.05 10.26 -25.09
CA PRO D 169 11.11 11.44 -25.99
C PRO D 169 12.03 12.56 -25.52
N LEU D 170 13.33 12.29 -25.57
CA LEU D 170 14.33 13.28 -25.16
C LEU D 170 14.50 14.31 -26.28
N LYS D 171 15.03 15.48 -25.94
CA LYS D 171 15.06 16.58 -26.90
C LYS D 171 16.46 16.84 -27.45
N GLU D 172 17.50 16.52 -26.69
CA GLU D 172 18.86 16.64 -27.22
C GLU D 172 19.69 15.41 -26.90
N SER D 173 20.89 15.32 -27.47
CA SER D 173 21.81 14.24 -27.18
C SER D 173 22.35 14.37 -25.75
N LEU D 174 22.57 13.21 -25.13
CA LEU D 174 23.02 13.15 -23.75
C LEU D 174 24.54 13.11 -23.73
N CYS D 175 25.14 13.91 -22.84
CA CYS D 175 26.59 13.99 -22.72
C CYS D 175 27.08 13.43 -21.39
N ARG D 176 26.46 13.83 -20.29
CA ARG D 176 26.77 13.32 -18.96
C ARG D 176 25.50 12.74 -18.36
N VAL D 177 25.62 11.52 -17.83
CA VAL D 177 24.47 10.80 -17.28
C VAL D 177 24.76 10.45 -15.83
N GLY D 178 23.77 10.63 -14.96
CA GLY D 178 23.93 10.30 -13.56
C GLY D 178 23.04 9.16 -13.09
N VAL D 179 23.61 8.25 -12.31
CA VAL D 179 22.89 7.10 -11.77
C VAL D 179 22.75 7.30 -10.26
N PHE D 180 21.51 7.13 -9.77
CA PHE D 180 21.17 7.39 -8.37
C PHE D 180 20.49 6.14 -7.82
N LEU D 181 20.90 5.73 -6.62
CA LEU D 181 20.44 4.49 -6.00
C LEU D 181 20.01 4.74 -4.57
N ASP D 182 18.81 4.28 -4.22
CA ASP D 182 18.28 4.28 -2.87
C ASP D 182 17.83 2.86 -2.54
N TYR D 183 18.56 2.21 -1.64
CA TYR D 183 18.39 0.77 -1.40
C TYR D 183 17.13 0.44 -0.62
N GLU D 184 16.78 1.22 0.40
CA GLU D 184 15.64 0.88 1.22
C GLU D 184 14.31 1.19 0.58
N ALA D 185 14.30 1.89 -0.57
CA ALA D 185 13.05 2.18 -1.26
C ALA D 185 12.97 1.47 -2.61
N GLY D 186 13.98 0.70 -2.99
CA GLY D 186 14.01 0.06 -4.29
C GLY D 186 14.04 1.07 -5.41
N ASP D 187 14.85 2.11 -5.25
CA ASP D 187 14.86 3.25 -6.16
C ASP D 187 16.13 3.25 -7.00
N VAL D 188 15.96 3.19 -8.32
CA VAL D 188 17.06 3.37 -9.27
C VAL D 188 16.60 4.47 -10.23
N SER D 189 17.38 5.53 -10.34
CA SER D 189 17.00 6.69 -11.15
C SER D 189 18.15 7.13 -12.05
N PHE D 190 17.78 7.66 -13.21
CA PHE D 190 18.72 8.19 -14.19
C PHE D 190 18.42 9.66 -14.40
N TYR D 191 19.47 10.49 -14.31
CA TYR D 191 19.39 11.95 -14.38
C TYR D 191 20.28 12.46 -15.50
N ASN D 192 19.96 13.67 -15.99
CA ASN D 192 20.77 14.38 -16.98
C ASN D 192 21.52 15.49 -16.25
N MET D 193 22.85 15.39 -16.24
CA MET D 193 23.68 16.30 -15.44
C MET D 193 24.14 17.50 -16.28
N ARG D 194 23.18 18.16 -16.91
CA ARG D 194 23.42 19.43 -17.56
C ARG D 194 22.46 20.47 -17.00
N ASP D 195 21.20 20.07 -16.80
CA ASP D 195 20.23 20.88 -16.10
C ASP D 195 19.88 20.29 -14.74
N ARG D 196 20.45 19.14 -14.40
CA ARG D 196 20.03 18.34 -13.25
C ARG D 196 18.55 18.03 -13.33
N SER D 197 18.16 17.46 -14.47
CA SER D 197 16.78 17.11 -14.78
C SER D 197 16.58 15.60 -14.66
N HIS D 198 15.47 15.24 -14.02
CA HIS D 198 15.10 13.84 -13.87
C HIS D 198 14.72 13.25 -15.21
N ILE D 199 15.30 12.08 -15.52
CA ILE D 199 14.99 11.40 -16.77
C ILE D 199 14.09 10.20 -16.51
N TYR D 200 14.55 9.23 -15.72
CA TYR D 200 13.77 8.02 -15.58
C TYR D 200 13.90 7.42 -14.19
N THR D 201 12.87 6.67 -13.80
CA THR D 201 12.84 5.95 -12.52
C THR D 201 12.15 4.61 -12.75
N CYS D 202 12.83 3.53 -12.41
CA CYS D 202 12.31 2.19 -12.65
C CYS D 202 11.31 1.79 -11.57
N PRO D 203 10.42 0.84 -11.88
CA PRO D 203 9.46 0.38 -10.87
C PRO D 203 10.17 -0.23 -9.67
N ARG D 204 9.61 0.00 -8.50
CA ARG D 204 10.26 -0.42 -7.26
C ARG D 204 10.28 -1.93 -7.14
N SER D 205 11.41 -2.47 -6.67
CA SER D 205 11.57 -3.91 -6.51
C SER D 205 12.56 -4.17 -5.38
N ALA D 206 12.31 -5.22 -4.61
CA ALA D 206 13.18 -5.54 -3.49
C ALA D 206 14.47 -6.19 -3.96
N PHE D 207 15.60 -5.70 -3.46
CA PHE D 207 16.90 -6.20 -3.89
C PHE D 207 17.28 -7.48 -3.14
N SER D 208 17.34 -7.40 -1.82
CA SER D 208 17.66 -8.50 -0.90
C SER D 208 19.10 -8.97 -0.99
N VAL D 209 19.89 -8.44 -1.91
CA VAL D 209 21.31 -8.79 -2.05
C VAL D 209 22.08 -7.53 -2.45
N PRO D 210 23.40 -7.54 -2.24
CA PRO D 210 24.20 -6.40 -2.69
C PRO D 210 24.13 -6.20 -4.20
N VAL D 211 24.31 -4.95 -4.63
CA VAL D 211 24.23 -4.58 -6.03
C VAL D 211 25.55 -3.91 -6.44
N ARG D 212 25.82 -3.94 -7.74
CA ARG D 212 27.08 -3.46 -8.29
C ARG D 212 26.80 -2.70 -9.57
N PRO D 213 27.65 -1.74 -9.93
CA PRO D 213 27.48 -1.01 -11.19
C PRO D 213 27.74 -1.92 -12.40
N PHE D 214 27.17 -1.51 -13.54
CA PHE D 214 27.15 -2.36 -14.72
C PHE D 214 27.27 -1.49 -15.96
N PHE D 215 28.26 -1.78 -16.81
CA PHE D 215 28.51 -1.04 -18.03
C PHE D 215 28.62 -1.99 -19.22
N ARG D 216 28.07 -1.58 -20.36
CA ARG D 216 28.13 -2.36 -21.58
C ARG D 216 28.41 -1.45 -22.78
N LEU D 217 29.33 -1.87 -23.64
CA LEU D 217 29.77 -1.10 -24.79
C LEU D 217 29.45 -1.87 -26.06
N GLY D 218 28.75 -1.21 -26.99
CA GLY D 218 28.27 -1.90 -28.18
C GLY D 218 28.90 -1.45 -29.49
N CYS D 219 29.69 -0.38 -29.46
CA CYS D 219 30.32 0.12 -30.67
C CYS D 219 31.79 -0.29 -30.70
N GLU D 220 32.50 0.09 -31.75
CA GLU D 220 33.88 -0.31 -31.96
C GLU D 220 34.80 0.89 -31.88
N ASP D 221 35.88 0.76 -31.11
CA ASP D 221 36.92 1.78 -30.97
C ASP D 221 36.34 3.11 -30.51
N SER D 222 35.76 3.09 -29.31
CA SER D 222 35.22 4.30 -28.71
C SER D 222 35.28 4.19 -27.20
N PRO D 223 35.75 5.23 -26.50
CA PRO D 223 35.94 5.14 -25.05
C PRO D 223 34.74 5.65 -24.26
N ILE D 224 34.66 5.16 -23.03
CA ILE D 224 33.71 5.67 -22.03
C ILE D 224 34.53 6.10 -20.81
N PHE D 225 34.12 7.19 -20.18
CA PHE D 225 34.88 7.80 -19.09
C PHE D 225 34.02 7.89 -17.85
N ILE D 226 34.60 7.56 -16.70
CA ILE D 226 33.93 7.70 -15.42
C ILE D 226 34.51 8.91 -14.70
N CYS D 227 33.65 9.85 -14.34
CA CYS D 227 34.10 11.09 -13.71
C CYS D 227 34.57 10.81 -12.29
N PRO D 228 35.79 11.17 -11.94
CA PRO D 228 36.28 10.89 -10.58
C PRO D 228 35.61 11.78 -9.56
N ALA D 229 35.66 11.36 -8.30
CA ALA D 229 35.10 12.17 -7.22
C ALA D 229 36.00 13.38 -6.95
N LEU D 230 35.42 14.38 -6.31
CA LEU D 230 36.18 15.56 -5.95
C LEU D 230 37.13 15.24 -4.80
N THR D 231 38.41 15.58 -4.98
CA THR D 231 39.45 15.21 -4.03
C THR D 231 40.07 16.42 -3.35
N GLY D 232 39.83 17.62 -3.87
CA GLY D 232 40.38 18.81 -3.27
C GLY D 232 41.84 19.04 -3.63
N ALA D 233 42.70 19.09 -2.63
CA ALA D 233 44.12 19.35 -2.83
C ALA D 233 44.97 18.43 -1.96
N ASN D 234 44.63 17.14 -1.92
CA ASN D 234 45.42 16.21 -1.15
C ASN D 234 46.52 15.59 -2.00
N GLY D 235 47.65 15.30 -1.37
CA GLY D 235 48.79 14.80 -2.10
C GLY D 235 49.60 15.87 -2.80
N VAL D 236 49.28 17.14 -2.59
CA VAL D 236 49.94 18.24 -3.27
C VAL D 236 50.27 19.32 -2.25
N THR D 237 51.22 20.19 -2.62
CA THR D 237 51.66 21.25 -1.71
C THR D 237 50.96 22.57 -2.06
N VAL D 238 50.46 23.24 -1.03
CA VAL D 238 49.78 24.52 -1.18
C VAL D 238 50.73 25.62 -0.74
N PRO D 239 51.27 26.39 -1.68
CA PRO D 239 52.14 27.52 -1.30
C PRO D 239 51.35 28.63 -0.65
N GLU D 240 52.04 29.59 -0.03
CA GLU D 240 51.36 30.70 0.63
C GLU D 240 50.63 31.60 -0.36
N GLU D 241 51.13 31.75 -1.58
CA GLU D 241 50.40 32.50 -2.59
C GLU D 241 49.09 31.81 -2.98
N GLY D 242 49.03 30.49 -2.81
CA GLY D 242 47.84 29.74 -3.13
C GLY D 242 47.98 28.90 -4.38
N LEU D 243 47.13 27.89 -4.52
CA LEU D 243 47.17 27.04 -5.70
C LEU D 243 46.10 27.47 -6.69
N THR D 244 46.54 27.82 -7.90
CA THR D 244 45.63 28.33 -8.92
C THR D 244 45.79 27.48 -10.18
N LEU D 245 44.65 27.01 -10.70
CA LEU D 245 44.59 26.28 -11.97
C LEU D 245 45.48 25.05 -11.95
N HIS D 246 45.14 24.12 -11.07
CA HIS D 246 45.86 22.85 -10.95
C HIS D 246 45.38 21.85 -11.99
N ARG D 247 46.31 21.12 -12.57
CA ARG D 247 45.98 20.07 -13.52
C ARG D 247 46.53 18.72 -13.07
P13 H6P E . 4.13 2.85 -4.58
O14 H6P E . 4.84 2.96 -5.92
O15 H6P E . 4.09 1.40 -4.17
O16 H6P E . 2.60 3.44 -4.72
P17 H6P E . 1.23 2.53 -4.70
O18 H6P E . 1.07 1.84 -6.04
O19 H6P E . 0.05 3.42 -4.44
O20 H6P E . 1.33 1.50 -3.61
C21 H6P E . 5.69 7.63 -0.93
C27 H6P E . 5.13 5.33 -1.72
C28 H6P E . 4.22 4.76 -2.81
O29 H6P E . 4.92 3.73 -3.45
C30 H6P E . 4.56 6.61 -1.09
C31 H6P E . 3.96 6.29 0.27
O33 H6P E . 4.84 6.74 1.26
#